data_8VRU
#
_entry.id   8VRU
#
_cell.length_a   75.466
_cell.length_b   90.558
_cell.length_c   91.335
_cell.angle_alpha   90.00
_cell.angle_beta   90.00
_cell.angle_gamma   90.00
#
_symmetry.space_group_name_H-M   'P 21 21 21'
#
loop_
_entity.id
_entity.type
_entity.pdbx_description
1 polymer 'Capsid protein'
2 non-polymer 1,2-ETHANEDIOL
3 non-polymer 'FORMIC ACID'
4 water water
#
_entity_poly.entity_id   1
_entity_poly.type   'polypeptide(L)'
_entity_poly.pdbx_seq_one_letter_code
;KPFTVPILTVEEMTNSRFPIPLEKLFTGPSGAFVVQPQNGRCTTDGVLLGTTQLSPVNICTFRGDVTHIAGTQEYTMNLA
SQNWNNYDPTEEIPAPLGTPDFVGKIQGVLTQTTRGDGSTRGHKATVSTGSVHFTPKLGSVQFSTDTSNDFETGQNTKFT
PVGVVQDGSTTHQNEPQQWVLPDYSGRDSHNVHLAPAVAPTFPGEQLLFFRSTMPGCSGYPNMNLDCLLPQEWVQHFYQE
AAPAQSDVALLRFVNPDTGRVLFECKLHKSGYVTVAHTGQHDLVIPPNGYFRFDSWVNQFYTLAPM
;
_entity_poly.pdbx_strand_id   A,B
#
loop_
_chem_comp.id
_chem_comp.type
_chem_comp.name
_chem_comp.formula
EDO non-polymer 1,2-ETHANEDIOL 'C2 H6 O2'
FMT non-polymer 'FORMIC ACID' 'C H2 O2'
#
# COMPACT_ATOMS: atom_id res chain seq x y z
N LYS A 1 11.09 -0.47 -27.75
CA LYS A 1 9.99 0.10 -26.97
C LYS A 1 10.45 1.37 -26.26
N PRO A 2 9.72 2.47 -26.41
CA PRO A 2 10.17 3.73 -25.79
C PRO A 2 10.06 3.70 -24.28
N PHE A 3 11.03 4.33 -23.65
CA PHE A 3 11.06 4.46 -22.20
C PHE A 3 10.14 5.60 -21.77
N THR A 4 9.49 5.41 -20.62
CA THR A 4 8.65 6.45 -20.03
C THR A 4 8.70 6.34 -18.50
N VAL A 5 8.36 7.43 -17.83
CA VAL A 5 8.08 7.37 -16.40
C VAL A 5 6.62 7.72 -16.17
N PRO A 6 6.06 7.32 -15.03
CA PRO A 6 4.66 7.64 -14.77
C PRO A 6 4.40 9.13 -14.69
N ILE A 7 3.15 9.51 -14.97
CA ILE A 7 2.75 10.92 -14.91
C ILE A 7 2.14 11.31 -13.57
N LEU A 8 2.18 10.40 -12.60
CA LEU A 8 1.64 10.76 -11.29
C LEU A 8 2.46 11.86 -10.63
N THR A 9 1.78 12.71 -9.87
CA THR A 9 2.47 13.72 -9.08
C THR A 9 3.12 13.10 -7.85
N VAL A 10 4.03 13.85 -7.23
CA VAL A 10 4.74 13.34 -6.07
C VAL A 10 3.74 12.89 -5.01
N GLU A 11 2.74 13.72 -4.73
CA GLU A 11 1.79 13.42 -3.66
C GLU A 11 0.86 12.27 -4.01
N GLU A 12 0.78 11.88 -5.27
CA GLU A 12 -0.02 10.73 -5.69
C GLU A 12 0.76 9.43 -5.62
N MET A 13 2.02 9.45 -5.19
CA MET A 13 2.85 8.26 -5.22
C MET A 13 3.20 7.83 -3.79
N THR A 14 3.81 6.64 -3.72
CA THR A 14 4.05 5.93 -2.48
C THR A 14 5.54 5.68 -2.26
N ASN A 15 5.99 5.82 -1.01
CA ASN A 15 7.36 5.48 -0.67
C ASN A 15 7.60 4.00 -0.93
N SER A 16 8.77 3.65 -1.44
CA SER A 16 9.12 2.27 -1.70
C SER A 16 9.86 1.61 -0.55
N ARG A 17 10.04 2.31 0.58
CA ARG A 17 10.75 1.76 1.72
C ARG A 17 9.88 1.61 2.97
N PHE A 18 8.64 2.09 2.94
CA PHE A 18 7.69 1.94 4.03
C PHE A 18 6.34 2.27 3.43
N PRO A 19 5.25 1.59 3.87
CA PRO A 19 3.96 1.75 3.17
C PRO A 19 3.23 3.04 3.54
N ILE A 20 3.75 4.17 3.05
CA ILE A 20 3.21 5.49 3.32
C ILE A 20 3.35 6.35 2.07
N PRO A 21 2.52 7.38 1.94
CA PRO A 21 2.63 8.27 0.78
C PRO A 21 3.93 9.04 0.77
N LEU A 22 4.36 9.42 -0.43
CA LEU A 22 5.40 10.44 -0.55
C LEU A 22 4.87 11.79 -0.13
N GLU A 23 5.79 12.63 0.37
CA GLU A 23 5.46 13.98 0.79
C GLU A 23 6.14 15.05 -0.03
N LYS A 24 7.40 14.83 -0.41
CA LYS A 24 8.16 15.90 -1.02
C LYS A 24 9.38 15.31 -1.71
N LEU A 25 10.01 16.16 -2.52
CA LEU A 25 11.30 15.87 -3.11
C LEU A 25 12.36 16.55 -2.26
N PHE A 26 13.44 15.83 -1.99
CA PHE A 26 14.49 16.34 -1.13
C PHE A 26 15.83 15.97 -1.73
N THR A 27 16.76 16.91 -1.77
CA THR A 27 18.14 16.57 -2.10
C THR A 27 19.03 16.94 -0.92
N GLY A 28 20.07 16.14 -0.70
CA GLY A 28 21.03 16.41 0.34
C GLY A 28 22.31 15.67 0.10
N PRO A 29 23.35 16.07 0.82
CA PRO A 29 24.66 15.43 0.63
C PRO A 29 24.72 14.06 1.25
N SER A 30 25.57 13.22 0.66
CA SER A 30 25.74 11.83 1.07
C SER A 30 27.18 11.37 0.92
N GLY A 31 28.14 12.27 1.13
CA GLY A 31 29.54 11.87 1.08
C GLY A 31 30.04 11.23 2.36
N ALA A 32 29.35 11.44 3.48
CA ALA A 32 29.81 10.98 4.78
C ALA A 32 29.39 9.56 5.07
N PHE A 33 28.58 8.97 4.21
CA PHE A 33 27.95 7.70 4.51
C PHE A 33 27.48 7.10 3.21
N VAL A 34 27.29 5.81 3.22
CA VAL A 34 26.93 5.09 2.02
C VAL A 34 25.41 4.97 1.94
N VAL A 35 24.87 5.28 0.77
CA VAL A 35 23.43 5.19 0.50
C VAL A 35 23.18 3.89 -0.23
N GLN A 36 22.60 2.91 0.45
CA GLN A 36 22.46 1.58 -0.10
C GLN A 36 21.14 0.93 0.35
N PRO A 37 20.01 1.59 0.15
CA PRO A 37 18.73 0.96 0.48
C PRO A 37 18.51 -0.28 -0.38
N GLN A 38 17.71 -1.21 0.15
CA GLN A 38 17.45 -2.46 -0.53
C GLN A 38 16.03 -2.58 -1.04
N ASN A 39 15.09 -1.81 -0.48
CA ASN A 39 13.76 -1.67 -1.06
C ASN A 39 13.75 -0.45 -1.98
N GLY A 40 12.85 -0.47 -2.96
CA GLY A 40 12.79 0.58 -3.96
C GLY A 40 13.98 0.57 -4.90
N ARG A 41 14.44 -0.62 -5.28
CA ARG A 41 15.59 -0.78 -6.15
C ARG A 41 15.18 -1.54 -7.39
N CYS A 42 15.30 -0.89 -8.53
CA CYS A 42 14.90 -1.44 -9.81
C CYS A 42 15.61 -0.66 -10.89
N THR A 43 16.12 -1.37 -11.89
CA THR A 43 16.74 -0.68 -13.01
C THR A 43 15.66 -0.12 -13.95
N THR A 44 16.06 0.83 -14.79
CA THR A 44 15.07 1.44 -15.67
C THR A 44 14.52 0.43 -16.67
N ASP A 45 15.27 -0.63 -16.97
CA ASP A 45 14.79 -1.68 -17.86
C ASP A 45 14.14 -2.84 -17.11
N GLY A 46 13.80 -2.65 -15.83
CA GLY A 46 12.88 -3.52 -15.13
C GLY A 46 13.47 -4.65 -14.32
N VAL A 47 14.73 -4.58 -13.96
CA VAL A 47 15.36 -5.63 -13.15
C VAL A 47 15.28 -5.22 -11.67
N LEU A 48 14.52 -5.98 -10.88
CA LEU A 48 14.42 -5.73 -9.44
C LEU A 48 15.72 -6.12 -8.76
N LEU A 49 16.13 -5.34 -7.76
CA LEU A 49 17.37 -5.56 -7.05
C LEU A 49 17.08 -5.60 -5.55
N GLY A 50 18.08 -6.04 -4.79
CA GLY A 50 17.96 -5.99 -3.34
C GLY A 50 16.84 -6.88 -2.84
N THR A 51 16.01 -6.33 -1.95
CA THR A 51 14.84 -7.02 -1.43
C THR A 51 13.55 -6.49 -2.06
N THR A 52 13.64 -5.90 -3.24
CA THR A 52 12.51 -5.16 -3.78
C THR A 52 11.47 -6.10 -4.39
N GLN A 53 10.21 -5.88 -4.02
CA GLN A 53 9.06 -6.56 -4.59
C GLN A 53 8.06 -5.50 -5.03
N LEU A 54 6.93 -5.94 -5.57
CA LEU A 54 6.06 -5.05 -6.31
C LEU A 54 4.96 -4.41 -5.48
N SER A 55 4.59 -5.02 -4.36
CA SER A 55 3.43 -4.57 -3.59
C SER A 55 3.78 -3.44 -2.65
N PRO A 56 3.11 -2.30 -2.71
CA PRO A 56 3.37 -1.25 -1.72
C PRO A 56 2.99 -1.66 -0.31
N VAL A 57 2.01 -2.54 -0.18
CA VAL A 57 1.50 -2.85 1.15
C VAL A 57 2.29 -3.97 1.81
N ASN A 58 3.17 -4.65 1.06
CA ASN A 58 4.02 -5.69 1.65
C ASN A 58 5.35 -5.15 2.16
N ILE A 59 5.63 -3.88 1.97
CA ILE A 59 6.91 -3.33 2.43
C ILE A 59 6.91 -3.28 3.96
N CYS A 60 7.96 -3.85 4.57
CA CYS A 60 8.12 -3.93 6.02
C CYS A 60 7.08 -4.83 6.69
N THR A 61 6.47 -5.74 5.94
CA THR A 61 5.61 -6.78 6.50
C THR A 61 6.41 -8.07 6.62
N PHE A 62 5.96 -8.91 7.55
CA PHE A 62 6.48 -10.26 7.71
C PHE A 62 5.30 -11.21 7.84
N ARG A 63 5.48 -12.45 7.36
CA ARG A 63 4.47 -13.50 7.43
C ARG A 63 5.15 -14.80 7.83
N GLY A 64 4.46 -15.61 8.64
CA GLY A 64 4.96 -16.93 8.98
C GLY A 64 4.20 -17.51 10.15
N ASP A 65 4.86 -18.34 10.92
CA ASP A 65 4.30 -18.91 12.13
C ASP A 65 5.15 -18.45 13.31
N VAL A 66 4.56 -18.45 14.52
CA VAL A 66 5.26 -17.91 15.68
C VAL A 66 5.37 -18.93 16.80
N THR A 67 6.40 -18.76 17.62
CA THR A 67 6.66 -19.54 18.81
C THR A 67 6.98 -18.60 19.96
N HIS A 68 6.38 -18.85 21.11
CA HIS A 68 6.61 -18.04 22.30
C HIS A 68 7.98 -18.33 22.89
N ILE A 69 8.69 -17.28 23.29
CA ILE A 69 9.93 -17.42 24.06
C ILE A 69 9.52 -17.45 25.52
N ALA A 70 9.72 -18.60 26.16
CA ALA A 70 9.16 -18.87 27.48
C ALA A 70 9.51 -17.78 28.49
N GLY A 71 8.53 -17.38 29.28
CA GLY A 71 8.73 -16.41 30.33
C GLY A 71 8.76 -14.96 29.90
N THR A 72 8.50 -14.67 28.64
CA THR A 72 8.65 -13.32 28.12
C THR A 72 7.43 -12.92 27.32
N GLN A 73 7.44 -11.69 26.82
CA GLN A 73 6.46 -11.23 25.84
C GLN A 73 7.01 -11.29 24.42
N GLU A 74 8.10 -12.03 24.20
CA GLU A 74 8.74 -12.12 22.91
C GLU A 74 8.29 -13.37 22.17
N TYR A 75 8.18 -13.23 20.84
CA TYR A 75 7.84 -14.33 19.95
C TYR A 75 8.84 -14.38 18.79
N THR A 76 9.22 -15.60 18.41
CA THR A 76 10.02 -15.82 17.23
C THR A 76 9.10 -16.14 16.06
N MET A 77 9.26 -15.44 14.95
CA MET A 77 8.53 -15.76 13.74
C MET A 77 9.45 -16.54 12.80
N ASN A 78 9.01 -17.72 12.41
CA ASN A 78 9.63 -18.49 11.34
C ASN A 78 8.99 -18.03 10.03
N LEU A 79 9.79 -17.42 9.18
CA LEU A 79 9.24 -16.66 8.06
C LEU A 79 8.81 -17.55 6.90
N ALA A 80 7.71 -17.17 6.28
CA ALA A 80 7.28 -17.66 4.99
C ALA A 80 7.50 -16.56 3.95
N SER A 81 7.35 -16.93 2.68
CA SER A 81 7.35 -15.94 1.61
C SER A 81 6.07 -15.10 1.69
N GLN A 82 6.05 -14.01 0.93
CA GLN A 82 4.91 -13.08 1.06
C GLN A 82 3.60 -13.69 0.58
N ASN A 83 3.62 -14.84 -0.09
CA ASN A 83 2.41 -15.55 -0.47
C ASN A 83 2.17 -16.83 0.33
N TRP A 84 2.84 -16.96 1.48
CA TRP A 84 2.74 -18.07 2.43
C TRP A 84 3.46 -19.33 1.97
N ASN A 85 4.17 -19.29 0.84
CA ASN A 85 4.97 -20.44 0.47
C ASN A 85 6.28 -20.46 1.25
N ASN A 86 7.04 -21.53 1.07
CA ASN A 86 8.27 -21.67 1.82
C ASN A 86 9.21 -20.52 1.48
N TYR A 87 9.92 -20.02 2.49
CA TYR A 87 11.00 -19.08 2.28
C TYR A 87 12.30 -19.86 2.20
N ASP A 88 13.06 -19.62 1.12
CA ASP A 88 14.27 -20.38 0.83
C ASP A 88 15.49 -19.52 1.12
N PRO A 89 16.22 -19.77 2.20
CA PRO A 89 17.39 -18.93 2.50
C PRO A 89 18.48 -18.98 1.44
N THR A 90 18.49 -19.99 0.56
CA THR A 90 19.56 -20.10 -0.41
C THR A 90 19.33 -19.23 -1.64
N GLU A 91 18.17 -18.59 -1.78
CA GLU A 91 17.95 -17.69 -2.89
C GLU A 91 18.95 -16.54 -2.80
N GLU A 92 19.40 -16.05 -3.95
CA GLU A 92 20.44 -15.01 -4.00
C GLU A 92 19.84 -13.61 -3.83
N ILE A 93 19.25 -13.43 -2.64
CA ILE A 93 18.72 -12.15 -2.20
C ILE A 93 19.22 -11.91 -0.77
N PRO A 94 19.21 -10.66 -0.31
CA PRO A 94 19.75 -10.38 1.03
C PRO A 94 18.88 -10.88 2.14
N ALA A 95 17.59 -11.02 1.89
CA ALA A 95 16.58 -11.28 2.90
C ALA A 95 15.26 -11.47 2.17
N PRO A 96 14.21 -11.92 2.83
CA PRO A 96 12.92 -11.99 2.15
C PRO A 96 12.53 -10.66 1.55
N LEU A 97 11.84 -10.70 0.43
CA LEU A 97 11.45 -9.47 -0.22
C LEU A 97 10.53 -8.67 0.68
N GLY A 98 10.78 -7.36 0.72
CA GLY A 98 10.07 -6.45 1.57
C GLY A 98 10.57 -6.32 2.99
N THR A 99 11.61 -7.07 3.38
CA THR A 99 12.19 -6.94 4.71
C THR A 99 12.61 -5.48 4.91
N PRO A 100 12.45 -4.92 6.11
CA PRO A 100 12.96 -3.56 6.34
C PRO A 100 14.45 -3.45 6.02
N ASP A 101 14.84 -2.31 5.44
CA ASP A 101 16.21 -2.06 5.02
C ASP A 101 16.89 -0.95 5.84
N PHE A 102 16.46 -0.76 7.08
CA PHE A 102 17.11 0.20 7.95
C PHE A 102 17.10 -0.34 9.36
N VAL A 103 18.04 0.16 10.19
CA VAL A 103 18.10 -0.19 11.61
C VAL A 103 17.17 0.73 12.39
N GLY A 104 16.23 0.14 13.08
CA GLY A 104 15.29 0.91 13.87
C GLY A 104 14.29 -0.04 14.49
N LYS A 105 13.42 0.54 15.29
CA LYS A 105 12.38 -0.19 16.00
C LYS A 105 11.07 0.15 15.32
N ILE A 106 10.50 -0.83 14.63
CA ILE A 106 9.27 -0.64 13.89
C ILE A 106 8.14 -1.24 14.72
N GLN A 107 7.19 -0.38 15.09
CA GLN A 107 6.02 -0.84 15.82
C GLN A 107 4.87 -1.11 14.84
N GLY A 108 4.12 -2.16 15.14
CA GLY A 108 2.96 -2.52 14.34
C GLY A 108 2.10 -3.49 15.11
N VAL A 109 1.46 -4.40 14.39
CA VAL A 109 0.53 -5.35 14.97
C VAL A 109 0.78 -6.71 14.37
N LEU A 110 0.86 -7.73 15.22
CA LEU A 110 0.88 -9.12 14.79
C LEU A 110 -0.55 -9.65 14.86
N THR A 111 -1.05 -10.18 13.74
CA THR A 111 -2.37 -10.76 13.67
C THR A 111 -2.25 -12.23 13.32
N GLN A 112 -3.23 -13.02 13.76
CA GLN A 112 -3.18 -14.46 13.54
C GLN A 112 -4.59 -15.00 13.40
N THR A 113 -4.76 -15.98 12.52
CA THR A 113 -6.00 -16.73 12.40
C THR A 113 -5.73 -18.21 12.62
N THR A 114 -6.59 -18.85 13.40
CA THR A 114 -6.57 -20.31 13.55
C THR A 114 -7.36 -20.92 12.41
N ARG A 115 -6.71 -21.79 11.65
CA ARG A 115 -7.33 -22.30 10.41
C ARG A 115 -8.58 -23.12 10.70
N GLY A 116 -8.56 -23.89 11.79
CA GLY A 116 -9.64 -24.85 12.03
C GLY A 116 -10.99 -24.21 12.30
N ASP A 117 -11.01 -23.06 12.98
CA ASP A 117 -12.27 -22.47 13.39
C ASP A 117 -12.40 -21.00 13.06
N GLY A 118 -11.38 -20.39 12.46
CA GLY A 118 -11.48 -19.00 12.09
C GLY A 118 -11.39 -18.02 13.24
N SER A 119 -10.93 -18.46 14.40
CA SER A 119 -10.71 -17.55 15.51
C SER A 119 -9.47 -16.70 15.24
N THR A 120 -9.48 -15.46 15.73
CA THR A 120 -8.45 -14.51 15.38
C THR A 120 -7.99 -13.74 16.62
N ARG A 121 -6.80 -13.16 16.50
CA ARG A 121 -6.19 -12.42 17.60
C ARG A 121 -5.13 -11.49 17.02
N GLY A 122 -4.94 -10.34 17.68
CA GLY A 122 -4.00 -9.35 17.23
C GLY A 122 -3.40 -8.65 18.43
N HIS A 123 -2.10 -8.34 18.36
CA HIS A 123 -1.41 -7.72 19.48
C HIS A 123 -0.35 -6.75 18.98
N LYS A 124 -0.17 -5.69 19.74
CA LYS A 124 0.91 -4.76 19.51
C LYS A 124 2.23 -5.52 19.45
N ALA A 125 3.07 -5.15 18.51
CA ALA A 125 4.35 -5.81 18.34
C ALA A 125 5.37 -4.83 17.80
N THR A 126 6.63 -5.00 18.22
CA THR A 126 7.73 -4.20 17.73
C THR A 126 8.85 -5.12 17.29
N VAL A 127 9.43 -4.81 16.14
CA VAL A 127 10.62 -5.50 15.67
C VAL A 127 11.79 -4.53 15.71
N SER A 128 12.83 -4.93 16.42
CA SER A 128 14.07 -4.17 16.51
C SER A 128 15.03 -4.73 15.46
N THR A 129 15.22 -4.01 14.35
CA THR A 129 15.97 -4.59 13.24
C THR A 129 17.48 -4.56 13.47
N GLY A 130 17.95 -3.87 14.51
CA GLY A 130 19.33 -3.93 14.94
C GLY A 130 19.63 -5.03 15.94
N SER A 131 18.60 -5.76 16.36
CA SER A 131 18.76 -6.78 17.39
C SER A 131 19.53 -8.00 16.88
N VAL A 132 20.20 -8.67 17.81
CA VAL A 132 20.91 -9.90 17.45
C VAL A 132 19.95 -10.97 16.93
N HIS A 133 18.67 -10.91 17.30
CA HIS A 133 17.71 -11.90 16.87
C HIS A 133 16.98 -11.51 15.59
N PHE A 134 17.37 -10.41 14.96
CA PHE A 134 16.83 -10.04 13.66
C PHE A 134 17.67 -10.78 12.62
N THR A 135 17.19 -11.94 12.19
CA THR A 135 17.93 -12.82 11.27
C THR A 135 17.03 -13.23 10.11
N PRO A 136 16.42 -12.27 9.43
CA PRO A 136 15.47 -12.64 8.37
C PRO A 136 16.08 -13.47 7.26
N LYS A 137 17.34 -13.20 6.89
CA LYS A 137 17.96 -14.02 5.84
C LYS A 137 17.95 -15.49 6.22
N LEU A 138 18.17 -15.80 7.52
CA LEU A 138 18.18 -17.18 7.99
C LEU A 138 16.78 -17.72 8.20
N GLY A 139 15.75 -16.88 8.13
CA GLY A 139 14.38 -17.33 8.21
C GLY A 139 13.68 -17.03 9.51
N SER A 140 14.23 -16.18 10.37
CA SER A 140 13.52 -15.86 11.60
C SER A 140 13.79 -14.44 12.08
N VAL A 141 12.75 -13.88 12.69
CA VAL A 141 12.78 -12.57 13.30
C VAL A 141 12.07 -12.68 14.64
N GLN A 142 12.48 -11.85 15.59
CA GLN A 142 11.89 -11.80 16.91
C GLN A 142 11.09 -10.52 17.09
N PHE A 143 9.93 -10.66 17.70
CA PHE A 143 9.05 -9.54 18.01
C PHE A 143 8.83 -9.40 19.52
N SER A 144 8.82 -8.17 19.99
CA SER A 144 8.37 -7.89 21.35
C SER A 144 6.90 -7.52 21.29
N THR A 145 6.07 -8.14 22.10
CA THR A 145 4.63 -7.95 21.98
C THR A 145 4.05 -7.56 23.34
N ASP A 146 2.73 -7.31 23.36
CA ASP A 146 2.02 -7.05 24.61
C ASP A 146 1.29 -8.30 25.14
N THR A 147 1.72 -9.48 24.72
CA THR A 147 1.13 -10.73 25.22
C THR A 147 2.23 -11.73 25.56
N SER A 148 1.89 -12.64 26.47
CA SER A 148 2.74 -13.79 26.75
C SER A 148 2.03 -15.12 26.58
N ASN A 149 0.78 -15.13 26.12
CA ASN A 149 0.12 -16.41 25.94
C ASN A 149 -0.96 -16.43 24.86
N ASP A 150 -1.10 -15.39 24.05
CA ASP A 150 -2.24 -15.31 23.13
C ASP A 150 -1.80 -15.34 21.67
N PHE A 151 -0.81 -16.17 21.35
CA PHE A 151 -0.59 -16.63 19.98
C PHE A 151 -0.40 -18.14 20.00
N GLU A 152 -0.99 -18.81 19.03
CA GLU A 152 -0.84 -20.25 18.83
C GLU A 152 0.34 -20.56 17.91
N THR A 153 0.88 -21.76 18.07
CA THR A 153 1.87 -22.26 17.14
C THR A 153 1.19 -22.86 15.91
N GLY A 154 1.93 -22.91 14.82
CA GLY A 154 1.45 -23.58 13.63
C GLY A 154 0.30 -22.89 12.92
N GLN A 155 0.14 -21.59 13.11
CA GLN A 155 -0.95 -20.83 12.52
C GLN A 155 -0.43 -19.58 11.84
N ASN A 156 -1.04 -19.25 10.69
CA ASN A 156 -0.60 -18.12 9.88
C ASN A 156 -0.67 -16.82 10.67
N THR A 157 0.45 -16.09 10.70
CA THR A 157 0.62 -14.88 11.48
C THR A 157 1.29 -13.84 10.60
N LYS A 158 0.84 -12.60 10.72
CA LYS A 158 1.32 -11.50 9.92
C LYS A 158 1.69 -10.33 10.80
N PHE A 159 2.79 -9.65 10.47
CA PHE A 159 3.13 -8.35 11.05
C PHE A 159 2.79 -7.26 10.05
N THR A 160 1.97 -6.31 10.47
CA THR A 160 1.63 -5.11 9.72
C THR A 160 2.36 -3.93 10.37
N PRO A 161 3.21 -3.23 9.64
CA PRO A 161 3.93 -2.10 10.23
C PRO A 161 3.04 -0.87 10.34
N VAL A 162 3.32 -0.05 11.35
CA VAL A 162 2.61 1.20 11.55
C VAL A 162 3.56 2.39 11.61
N GLY A 163 4.61 2.30 12.42
CA GLY A 163 5.49 3.45 12.55
C GLY A 163 6.74 3.05 13.31
N VAL A 164 7.49 4.07 13.74
CA VAL A 164 8.77 3.84 14.41
C VAL A 164 8.75 4.47 15.80
N VAL A 165 9.66 3.99 16.65
CA VAL A 165 9.75 4.44 18.04
C VAL A 165 11.21 4.75 18.42
N GLN A 166 11.37 5.42 19.55
CA GLN A 166 12.67 5.87 20.07
C GLN A 166 12.52 5.98 21.60
N ASP A 167 13.64 5.84 22.31
CA ASP A 167 13.65 5.93 23.77
C ASP A 167 13.84 7.38 24.18
N GLY A 168 12.78 8.02 24.67
CA GLY A 168 12.79 9.45 24.92
C GLY A 168 13.65 9.90 26.07
N SER A 169 14.21 8.97 26.85
CA SER A 169 15.20 9.36 27.85
C SER A 169 16.61 9.40 27.30
N THR A 170 16.79 9.09 26.00
CA THR A 170 18.09 9.14 25.34
C THR A 170 18.07 10.18 24.22
N THR A 171 19.25 10.46 23.69
CA THR A 171 19.44 11.51 22.69
C THR A 171 18.36 11.46 21.62
N HIS A 172 17.66 12.59 21.46
CA HIS A 172 16.52 12.60 20.56
C HIS A 172 16.96 12.37 19.11
N GLN A 173 16.08 11.71 18.35
CA GLN A 173 16.30 11.37 16.95
C GLN A 173 17.51 10.47 16.73
N ASN A 174 17.92 9.72 17.75
CA ASN A 174 19.06 8.82 17.63
C ASN A 174 18.75 7.53 16.88
N GLU A 175 17.47 7.26 16.58
CA GLU A 175 17.05 6.13 15.80
C GLU A 175 15.66 6.45 15.27
N PRO A 176 15.21 5.80 14.19
CA PRO A 176 15.95 4.91 13.30
C PRO A 176 17.15 5.57 12.62
N GLN A 177 17.96 4.74 11.99
CA GLN A 177 19.12 5.14 11.20
C GLN A 177 18.85 4.65 9.78
N GLN A 178 18.28 5.51 8.94
CA GLN A 178 17.74 5.03 7.69
C GLN A 178 18.78 4.54 6.71
N TRP A 179 20.05 4.98 6.84
CA TRP A 179 21.09 4.55 5.93
C TRP A 179 21.96 3.43 6.50
N VAL A 180 21.62 2.90 7.65
CA VAL A 180 22.34 1.77 8.24
C VAL A 180 21.53 0.51 7.97
N LEU A 181 22.07 -0.36 7.16
CA LEU A 181 21.39 -1.61 6.86
C LEU A 181 21.41 -2.54 8.07
N PRO A 182 20.36 -3.29 8.31
CA PRO A 182 20.42 -4.36 9.29
C PRO A 182 21.44 -5.41 8.89
N ASP A 183 21.85 -6.21 9.86
CA ASP A 183 22.60 -7.44 9.60
C ASP A 183 21.56 -8.52 9.35
N TYR A 184 21.24 -8.76 8.08
CA TYR A 184 20.12 -9.64 7.76
C TYR A 184 20.34 -11.08 8.23
N SER A 185 21.59 -11.51 8.41
CA SER A 185 21.84 -12.84 8.96
C SER A 185 22.38 -12.79 10.39
N GLY A 186 22.23 -11.66 11.07
CA GLY A 186 22.69 -11.55 12.43
C GLY A 186 24.16 -11.20 12.52
N ARG A 187 24.63 -11.14 13.75
CA ARG A 187 25.98 -10.63 14.00
C ARG A 187 27.06 -11.65 13.65
N ASP A 188 26.70 -12.91 13.44
CA ASP A 188 27.68 -13.94 13.15
C ASP A 188 27.93 -14.10 11.66
N SER A 189 27.40 -13.21 10.82
CA SER A 189 27.48 -13.40 9.39
C SER A 189 27.54 -12.03 8.70
N HIS A 190 27.42 -12.04 7.37
CA HIS A 190 27.55 -10.83 6.56
C HIS A 190 26.41 -10.78 5.56
N ASN A 191 25.99 -9.57 5.23
CA ASN A 191 24.96 -9.38 4.22
C ASN A 191 25.47 -9.82 2.87
N VAL A 192 24.57 -10.37 2.07
CA VAL A 192 24.90 -10.84 0.74
C VAL A 192 23.86 -10.39 -0.25
N HIS A 193 24.30 -10.28 -1.51
CA HIS A 193 23.44 -10.02 -2.66
C HIS A 193 22.77 -8.65 -2.60
N LEU A 194 23.43 -7.69 -1.93
CA LEU A 194 22.87 -6.35 -1.81
C LEU A 194 22.85 -5.64 -3.16
N ALA A 195 21.78 -4.87 -3.38
CA ALA A 195 21.79 -3.84 -4.40
C ALA A 195 22.91 -2.84 -4.09
N PRO A 196 23.60 -2.31 -5.10
CA PRO A 196 24.80 -1.50 -4.85
C PRO A 196 24.49 -0.16 -4.21
N ALA A 197 25.51 0.37 -3.53
CA ALA A 197 25.46 1.75 -3.08
C ALA A 197 25.39 2.68 -4.28
N VAL A 198 24.78 3.84 -4.10
CA VAL A 198 24.65 4.82 -5.16
C VAL A 198 25.22 6.14 -4.69
N ALA A 199 25.76 6.91 -5.65
CA ALA A 199 26.40 8.17 -5.33
C ALA A 199 26.48 9.02 -6.57
N PRO A 200 26.42 10.35 -6.44
CA PRO A 200 26.69 11.21 -7.58
C PRO A 200 28.16 11.16 -7.95
N THR A 201 28.42 11.30 -9.24
CA THR A 201 29.78 11.27 -9.77
C THR A 201 30.14 12.52 -10.57
N PHE A 202 29.22 13.26 -11.02
CA PHE A 202 29.42 14.40 -11.91
C PHE A 202 29.49 15.70 -11.10
N PRO A 203 30.30 16.67 -11.49
CA PRO A 203 30.54 17.81 -10.59
C PRO A 203 29.28 18.60 -10.32
N GLY A 204 29.04 18.88 -9.04
CA GLY A 204 27.91 19.64 -8.58
C GLY A 204 26.65 18.85 -8.36
N GLU A 205 26.67 17.53 -8.53
CA GLU A 205 25.45 16.76 -8.39
C GLU A 205 25.28 16.16 -7.00
N GLN A 206 24.01 15.90 -6.67
CA GLN A 206 23.60 15.18 -5.48
C GLN A 206 22.48 14.21 -5.87
N LEU A 207 22.28 13.19 -5.04
CA LEU A 207 21.07 12.37 -5.18
C LEU A 207 19.84 13.23 -4.96
N LEU A 208 18.78 12.89 -5.68
CA LEU A 208 17.44 13.41 -5.46
C LEU A 208 16.64 12.29 -4.83
N PHE A 209 16.02 12.58 -3.70
CA PHE A 209 15.28 11.59 -2.94
C PHE A 209 13.78 11.88 -2.97
N PHE A 210 13.00 10.82 -2.91
CA PHE A 210 11.56 10.89 -2.75
C PHE A 210 11.31 10.65 -1.27
N ARG A 211 10.90 11.69 -0.56
CA ARG A 211 10.92 11.70 0.89
C ARG A 211 9.53 11.61 1.49
N SER A 212 9.43 10.81 2.56
CA SER A 212 8.27 10.75 3.43
C SER A 212 8.72 10.96 4.87
N THR A 213 7.74 11.19 5.74
CA THR A 213 7.93 11.21 7.18
C THR A 213 7.17 10.01 7.76
N MET A 214 7.90 9.08 8.31
CA MET A 214 7.27 7.89 8.89
C MET A 214 6.44 8.30 10.10
N PRO A 215 5.30 7.66 10.32
CA PRO A 215 4.60 7.83 11.60
C PRO A 215 5.49 7.41 12.76
N GLY A 216 5.37 8.14 13.86
CA GLY A 216 6.02 7.76 15.11
C GLY A 216 4.98 7.33 16.12
N CYS A 217 5.34 6.33 16.94
CA CYS A 217 4.41 5.76 17.91
C CYS A 217 4.83 5.98 19.35
N SER A 218 6.03 6.48 19.60
CA SER A 218 6.53 6.67 20.95
C SER A 218 7.89 7.35 20.87
N GLY A 219 8.14 8.29 21.78
CA GLY A 219 9.46 8.89 21.86
C GLY A 219 9.71 9.94 20.78
N TYR A 220 10.99 10.11 20.45
CA TYR A 220 11.46 11.16 19.55
C TYR A 220 12.25 10.53 18.41
N PRO A 221 11.60 9.74 17.57
CA PRO A 221 12.33 9.06 16.49
C PRO A 221 12.70 10.00 15.36
N ASN A 222 13.77 9.62 14.64
CA ASN A 222 14.09 10.25 13.36
C ASN A 222 13.16 9.66 12.30
N MET A 223 12.20 10.43 11.82
CA MET A 223 11.14 9.92 10.96
C MET A 223 11.41 10.15 9.48
N ASN A 224 12.55 10.72 9.12
CA ASN A 224 12.82 10.93 7.70
C ASN A 224 13.04 9.61 6.98
N LEU A 225 12.45 9.47 5.80
CA LEU A 225 12.61 8.25 5.01
C LEU A 225 12.69 8.59 3.53
N ASP A 226 13.88 8.44 2.97
CA ASP A 226 14.21 8.80 1.60
C ASP A 226 14.31 7.55 0.76
N CYS A 227 13.53 7.48 -0.30
CA CYS A 227 13.66 6.37 -1.24
C CYS A 227 14.21 6.88 -2.58
N LEU A 228 14.82 5.97 -3.33
CA LEU A 228 15.47 6.34 -4.57
C LEU A 228 14.49 6.41 -5.73
N LEU A 229 13.40 5.65 -5.64
CA LEU A 229 12.38 5.58 -6.66
C LEU A 229 11.03 5.38 -5.99
N PRO A 230 10.00 6.10 -6.41
CA PRO A 230 8.65 5.80 -5.90
C PRO A 230 8.29 4.35 -6.21
N GLN A 231 7.42 3.78 -5.36
CA GLN A 231 7.02 2.40 -5.64
C GLN A 231 6.33 2.29 -6.99
N GLU A 232 5.58 3.32 -7.40
CA GLU A 232 4.91 3.27 -8.69
C GLU A 232 5.90 3.26 -9.84
N TRP A 233 7.09 3.84 -9.65
CA TRP A 233 8.10 3.77 -10.70
C TRP A 233 8.69 2.36 -10.79
N VAL A 234 8.92 1.71 -9.65
CA VAL A 234 9.31 0.29 -9.66
C VAL A 234 8.29 -0.54 -10.42
N GLN A 235 7.01 -0.35 -10.10
CA GLN A 235 5.98 -1.14 -10.77
C GLN A 235 5.97 -0.85 -12.27
N HIS A 236 6.21 0.40 -12.65
CA HIS A 236 6.16 0.80 -14.05
C HIS A 236 7.32 0.20 -14.83
N PHE A 237 8.54 0.31 -14.29
CA PHE A 237 9.71 -0.18 -15.02
C PHE A 237 9.70 -1.71 -15.11
N TYR A 238 9.24 -2.37 -14.05
CA TYR A 238 9.13 -3.82 -14.06
C TYR A 238 8.23 -4.29 -15.19
N GLN A 239 7.10 -3.61 -15.40
CA GLN A 239 6.19 -4.05 -16.43
C GLN A 239 6.64 -3.64 -17.82
N GLU A 240 7.12 -2.40 -17.98
CA GLU A 240 7.47 -1.92 -19.31
C GLU A 240 8.72 -2.60 -19.83
N ALA A 241 9.74 -2.73 -18.98
CA ALA A 241 11.02 -3.32 -19.35
C ALA A 241 11.57 -2.71 -20.64
N ALA A 242 11.49 -1.39 -20.75
CA ALA A 242 11.97 -0.73 -21.94
C ALA A 242 13.48 -0.72 -21.95
N PRO A 243 14.11 -1.04 -23.07
CA PRO A 243 15.58 -1.06 -23.11
C PRO A 243 16.14 0.33 -22.83
N ALA A 244 17.23 0.37 -22.08
CA ALA A 244 17.93 1.62 -21.82
C ALA A 244 18.88 1.90 -22.98
N GLN A 245 18.65 3.02 -23.68
CA GLN A 245 19.45 3.35 -24.86
C GLN A 245 20.79 3.96 -24.47
N SER A 246 20.89 4.51 -23.27
CA SER A 246 22.14 4.95 -22.70
C SER A 246 22.07 4.68 -21.21
N ASP A 247 23.10 5.10 -20.48
CA ASP A 247 23.10 4.89 -19.04
C ASP A 247 22.34 5.97 -18.28
N VAL A 248 21.84 7.02 -18.95
CA VAL A 248 21.25 8.17 -18.26
C VAL A 248 20.03 8.66 -19.04
N ALA A 249 18.89 8.69 -18.37
CA ALA A 249 17.66 9.25 -18.90
C ALA A 249 17.45 10.67 -18.36
N LEU A 250 17.33 11.64 -19.25
CA LEU A 250 17.08 13.01 -18.84
C LEU A 250 15.60 13.24 -18.62
N LEU A 251 15.25 13.60 -17.39
CA LEU A 251 13.86 13.93 -17.06
C LEU A 251 13.73 15.43 -16.81
N ARG A 252 12.59 15.97 -17.20
CA ARG A 252 12.21 17.34 -16.91
C ARG A 252 10.98 17.30 -16.00
N PHE A 253 11.01 18.10 -14.94
CA PHE A 253 9.87 18.22 -14.04
C PHE A 253 9.11 19.47 -14.46
N VAL A 254 7.86 19.29 -14.88
CA VAL A 254 7.13 20.33 -15.58
C VAL A 254 5.85 20.68 -14.83
N ASN A 255 5.47 21.96 -14.94
CA ASN A 255 4.22 22.43 -14.40
C ASN A 255 3.22 22.40 -15.54
N PRO A 256 2.24 21.49 -15.54
CA PRO A 256 1.31 21.41 -16.68
C PRO A 256 0.41 22.63 -16.82
N ASP A 257 0.25 23.41 -15.76
CA ASP A 257 -0.55 24.63 -15.88
C ASP A 257 0.10 25.61 -16.84
N THR A 258 1.40 25.87 -16.63
CA THR A 258 2.13 26.85 -17.41
C THR A 258 2.92 26.22 -18.55
N GLY A 259 3.14 24.91 -18.52
CA GLY A 259 4.03 24.25 -19.46
C GLY A 259 5.50 24.42 -19.16
N ARG A 260 5.86 25.21 -18.16
CA ARG A 260 7.26 25.53 -17.92
C ARG A 260 7.96 24.38 -17.18
N VAL A 261 9.23 24.20 -17.51
CA VAL A 261 10.08 23.27 -16.80
C VAL A 261 10.53 23.93 -15.50
N LEU A 262 10.37 23.23 -14.38
CA LEU A 262 10.88 23.73 -13.12
C LEU A 262 12.32 23.34 -12.88
N PHE A 263 12.67 22.09 -13.18
CA PHE A 263 14.04 21.63 -13.05
C PHE A 263 14.21 20.39 -13.92
N GLU A 264 15.47 20.01 -14.14
CA GLU A 264 15.76 18.77 -14.85
C GLU A 264 16.67 17.90 -13.98
N CYS A 265 16.66 16.60 -14.25
CA CYS A 265 17.42 15.66 -13.44
C CYS A 265 17.79 14.46 -14.30
N LYS A 266 18.72 13.66 -13.78
CA LYS A 266 19.18 12.44 -14.43
C LYS A 266 18.61 11.23 -13.71
N LEU A 267 17.89 10.39 -14.45
CA LEU A 267 17.50 9.08 -13.97
C LEU A 267 18.49 8.06 -14.52
N HIS A 268 19.32 7.51 -13.64
CA HIS A 268 20.36 6.57 -14.02
C HIS A 268 19.76 5.19 -14.26
N LYS A 269 20.32 4.49 -15.26
CA LYS A 269 19.81 3.19 -15.65
C LYS A 269 19.70 2.23 -14.48
N SER A 270 20.63 2.30 -13.54
CA SER A 270 20.62 1.38 -12.42
C SER A 270 19.56 1.74 -11.37
N GLY A 271 18.87 2.87 -11.52
CA GLY A 271 17.66 3.14 -10.76
C GLY A 271 17.78 4.13 -9.63
N TYR A 272 18.22 5.34 -9.94
CA TYR A 272 18.30 6.41 -8.96
C TYR A 272 18.45 7.71 -9.72
N VAL A 273 18.20 8.82 -9.02
CA VAL A 273 18.10 10.13 -9.63
C VAL A 273 19.16 11.06 -9.04
N THR A 274 19.78 11.87 -9.90
CA THR A 274 20.65 12.94 -9.44
C THR A 274 20.20 14.28 -10.00
N VAL A 275 20.54 15.35 -9.26
CA VAL A 275 20.20 16.72 -9.63
C VAL A 275 21.45 17.56 -9.37
N ALA A 276 21.51 18.73 -10.00
CA ALA A 276 22.64 19.64 -9.82
C ALA A 276 22.35 20.57 -8.65
N HIS A 277 22.77 20.16 -7.47
CA HIS A 277 22.60 20.98 -6.27
C HIS A 277 23.57 20.50 -5.20
N THR A 278 23.92 21.41 -4.29
CA THR A 278 24.72 21.08 -3.12
C THR A 278 24.05 21.61 -1.87
N GLY A 279 23.90 20.75 -0.87
CA GLY A 279 23.26 21.11 0.38
C GLY A 279 21.90 20.49 0.52
N GLN A 280 21.34 20.63 1.72
CA GLN A 280 20.03 20.08 2.03
C GLN A 280 18.96 21.03 1.52
N HIS A 281 18.00 20.50 0.76
CA HIS A 281 16.95 21.36 0.20
C HIS A 281 15.69 20.56 -0.09
N ASP A 282 14.59 21.01 0.49
CA ASP A 282 13.25 20.59 0.13
C ASP A 282 12.87 21.34 -1.14
N LEU A 283 12.65 20.61 -2.23
CA LEU A 283 12.34 21.30 -3.48
C LEU A 283 10.96 21.96 -3.40
N VAL A 284 10.87 23.16 -3.95
CA VAL A 284 9.62 23.92 -3.98
C VAL A 284 8.95 23.64 -5.31
N ILE A 285 7.82 22.92 -5.29
CA ILE A 285 7.20 22.46 -6.52
C ILE A 285 5.70 22.76 -6.48
N PRO A 286 5.08 22.98 -7.65
CA PRO A 286 3.61 23.01 -7.68
C PRO A 286 3.06 21.61 -7.49
N PRO A 287 1.90 21.46 -6.84
CA PRO A 287 1.44 20.12 -6.47
C PRO A 287 1.04 19.25 -7.65
N ASN A 288 0.78 19.86 -8.81
CA ASN A 288 0.44 19.13 -10.04
C ASN A 288 1.64 18.95 -10.97
N GLY A 289 2.85 19.30 -10.52
CA GLY A 289 4.03 19.02 -11.32
C GLY A 289 4.27 17.53 -11.47
N TYR A 290 4.94 17.17 -12.56
CA TYR A 290 5.20 15.76 -12.83
C TYR A 290 6.49 15.63 -13.62
N PHE A 291 7.06 14.42 -13.59
CA PHE A 291 8.29 14.13 -14.32
C PHE A 291 7.97 13.63 -15.73
N ARG A 292 8.81 14.04 -16.69
CA ARG A 292 8.66 13.64 -18.08
C ARG A 292 10.01 13.26 -18.65
N PHE A 293 10.09 12.07 -19.23
CA PHE A 293 11.31 11.62 -19.90
C PHE A 293 11.45 12.34 -21.24
N ASP A 294 12.59 12.99 -21.45
CA ASP A 294 12.81 13.73 -22.67
C ASP A 294 13.88 13.14 -23.59
N SER A 295 14.94 12.57 -23.06
CA SER A 295 16.04 12.15 -23.92
C SER A 295 16.99 11.22 -23.18
N TRP A 296 17.54 10.26 -23.92
CA TRP A 296 18.71 9.53 -23.44
C TRP A 296 19.94 10.39 -23.65
N VAL A 297 20.77 10.52 -22.60
CA VAL A 297 21.98 11.34 -22.66
C VAL A 297 23.19 10.54 -22.20
N ASN A 298 24.37 11.10 -22.39
CA ASN A 298 25.60 10.47 -21.94
C ASN A 298 25.88 10.80 -20.47
N GLN A 299 26.88 10.14 -19.91
CA GLN A 299 27.21 10.29 -18.50
C GLN A 299 27.70 11.70 -18.15
N PHE A 300 28.17 12.46 -19.13
CA PHE A 300 28.77 13.76 -18.88
C PHE A 300 27.85 14.91 -19.25
N TYR A 301 26.54 14.68 -19.31
CA TYR A 301 25.58 15.75 -19.58
C TYR A 301 25.50 16.70 -18.40
N THR A 302 25.59 17.99 -18.66
CA THR A 302 25.53 19.00 -17.61
C THR A 302 24.09 19.48 -17.46
N LEU A 303 23.50 19.19 -16.30
CA LEU A 303 22.15 19.64 -16.01
C LEU A 303 22.12 21.14 -15.72
N ALA A 304 21.01 21.78 -16.07
CA ALA A 304 20.76 23.13 -15.58
C ALA A 304 20.74 23.08 -14.06
N PRO A 305 21.43 24.00 -13.38
CA PRO A 305 21.45 23.94 -11.90
C PRO A 305 20.05 24.02 -11.31
N MET A 306 19.82 23.24 -10.27
CA MET A 306 18.58 23.35 -9.55
C MET A 306 18.51 24.73 -8.88
N LYS B 1 -5.15 6.28 -28.27
CA LYS B 1 -4.21 5.55 -27.43
C LYS B 1 -4.77 4.17 -27.12
N PRO B 2 -4.00 3.12 -27.39
CA PRO B 2 -4.55 1.78 -27.17
C PRO B 2 -4.81 1.53 -25.71
N PHE B 3 -5.95 0.93 -25.43
CA PHE B 3 -6.29 0.51 -24.09
C PHE B 3 -5.45 -0.70 -23.72
N THR B 4 -5.10 -0.79 -22.43
CA THR B 4 -4.36 -1.92 -21.90
C THR B 4 -4.72 -2.10 -20.44
N VAL B 5 -4.45 -3.30 -19.93
CA VAL B 5 -4.45 -3.52 -18.49
C VAL B 5 -3.03 -3.91 -18.07
N PRO B 6 -2.70 -3.74 -16.80
CA PRO B 6 -1.35 -4.12 -16.34
C PRO B 6 -1.09 -5.60 -16.57
N ILE B 7 0.19 -5.93 -16.72
CA ILE B 7 0.62 -7.32 -16.88
C ILE B 7 1.02 -7.96 -15.55
N LEU B 8 0.70 -7.33 -14.44
CA LEU B 8 0.98 -7.93 -13.14
C LEU B 8 0.08 -9.15 -12.91
N THR B 9 0.62 -10.14 -12.21
CA THR B 9 -0.19 -11.29 -11.82
C THR B 9 -1.14 -10.92 -10.68
N VAL B 10 -2.11 -11.79 -10.41
CA VAL B 10 -3.05 -11.53 -9.32
C VAL B 10 -2.31 -11.32 -8.00
N GLU B 11 -1.38 -12.21 -7.67
CA GLU B 11 -0.67 -12.12 -6.41
C GLU B 11 0.28 -10.95 -6.35
N GLU B 12 0.58 -10.32 -7.48
CA GLU B 12 1.40 -9.12 -7.51
C GLU B 12 0.59 -7.85 -7.30
N MET B 13 -0.73 -7.96 -7.22
CA MET B 13 -1.61 -6.80 -7.12
C MET B 13 -2.26 -6.68 -5.75
N THR B 14 -2.95 -5.56 -5.56
CA THR B 14 -3.44 -5.10 -4.27
C THR B 14 -4.95 -4.94 -4.32
N ASN B 15 -5.60 -5.35 -3.24
CA ASN B 15 -7.03 -5.09 -3.10
C ASN B 15 -7.27 -3.59 -3.06
N SER B 16 -8.32 -3.14 -3.74
CA SER B 16 -8.67 -1.73 -3.77
C SER B 16 -9.61 -1.32 -2.63
N ARG B 17 -10.00 -2.27 -1.76
CA ARG B 17 -10.93 -1.98 -0.66
C ARG B 17 -10.31 -2.10 0.72
N PHE B 18 -9.09 -2.59 0.83
CA PHE B 18 -8.34 -2.65 2.08
C PHE B 18 -6.89 -2.82 1.69
N PRO B 19 -5.94 -2.26 2.45
CA PRO B 19 -4.53 -2.24 1.97
C PRO B 19 -3.80 -3.56 2.20
N ILE B 20 -4.18 -4.56 1.40
CA ILE B 20 -3.62 -5.92 1.48
C ILE B 20 -3.52 -6.51 0.09
N PRO B 21 -2.65 -7.50 -0.10
CA PRO B 21 -2.50 -8.09 -1.44
C PRO B 21 -3.74 -8.87 -1.85
N LEU B 22 -3.95 -8.95 -3.16
CA LEU B 22 -4.89 -9.91 -3.70
C LEU B 22 -4.35 -11.32 -3.51
N GLU B 23 -5.28 -12.27 -3.40
CA GLU B 23 -4.93 -13.67 -3.23
C GLU B 23 -5.46 -14.58 -4.33
N LYS B 24 -6.63 -14.30 -4.88
CA LYS B 24 -7.28 -15.26 -5.75
C LYS B 24 -8.41 -14.56 -6.48
N LEU B 25 -8.93 -15.26 -7.49
CA LEU B 25 -10.11 -14.82 -8.21
C LEU B 25 -11.28 -15.72 -7.84
N PHE B 26 -12.46 -15.11 -7.71
CA PHE B 26 -13.66 -15.81 -7.27
C PHE B 26 -14.84 -15.32 -8.10
N THR B 27 -15.70 -16.24 -8.49
CA THR B 27 -16.96 -15.86 -9.09
C THR B 27 -18.10 -16.55 -8.36
N GLY B 28 -19.22 -15.85 -8.24
CA GLY B 28 -20.42 -16.42 -7.68
C GLY B 28 -21.61 -15.57 -8.03
N PRO B 29 -22.82 -16.10 -7.82
CA PRO B 29 -24.03 -15.31 -8.09
C PRO B 29 -24.21 -14.23 -7.05
N SER B 30 -24.82 -13.12 -7.46
CA SER B 30 -24.91 -11.95 -6.59
C SER B 30 -26.30 -11.31 -6.64
N GLY B 31 -27.34 -12.14 -6.47
CA GLY B 31 -28.70 -11.65 -6.25
C GLY B 31 -29.05 -11.51 -4.77
N ALA B 32 -28.29 -12.16 -3.89
CA ALA B 32 -28.57 -12.04 -2.46
C ALA B 32 -28.17 -10.68 -1.90
N PHE B 33 -27.53 -9.83 -2.68
CA PHE B 33 -27.02 -8.59 -2.15
C PHE B 33 -26.91 -7.53 -3.24
N VAL B 34 -26.84 -6.31 -2.80
CA VAL B 34 -26.47 -5.21 -3.67
C VAL B 34 -24.95 -5.13 -3.65
N VAL B 35 -24.35 -5.14 -4.83
CA VAL B 35 -22.90 -5.03 -4.98
C VAL B 35 -22.64 -3.57 -5.37
N GLN B 36 -22.24 -2.76 -4.38
CA GLN B 36 -22.07 -1.34 -4.61
C GLN B 36 -20.88 -0.80 -3.81
N PRO B 37 -19.71 -1.43 -3.93
CA PRO B 37 -18.53 -0.90 -3.24
C PRO B 37 -18.17 0.48 -3.78
N GLN B 38 -17.54 1.28 -2.92
CA GLN B 38 -17.22 2.66 -3.26
C GLN B 38 -15.73 2.90 -3.45
N ASN B 39 -14.88 2.03 -2.91
CA ASN B 39 -13.47 1.97 -3.21
C ASN B 39 -13.24 0.96 -4.34
N GLY B 40 -12.17 1.19 -5.11
CA GLY B 40 -11.90 0.35 -6.27
C GLY B 40 -12.88 0.57 -7.41
N ARG B 41 -13.30 1.82 -7.63
CA ARG B 41 -14.29 2.17 -8.63
C ARG B 41 -13.67 3.19 -9.58
N CYS B 42 -13.57 2.82 -10.85
CA CYS B 42 -12.91 3.64 -11.85
C CYS B 42 -13.37 3.15 -13.21
N THR B 43 -13.60 4.08 -14.13
CA THR B 43 -13.92 3.67 -15.50
C THR B 43 -12.64 3.27 -16.24
N THR B 44 -12.82 2.54 -17.34
CA THR B 44 -11.66 2.12 -18.12
C THR B 44 -10.91 3.30 -18.72
N ASP B 45 -11.58 4.43 -18.90
CA ASP B 45 -10.96 5.63 -19.44
C ASP B 45 -10.48 6.58 -18.33
N GLY B 46 -10.46 6.12 -17.08
CA GLY B 46 -9.71 6.76 -16.03
C GLY B 46 -10.46 7.72 -15.13
N VAL B 47 -11.77 7.62 -15.05
CA VAL B 47 -12.56 8.49 -14.19
C VAL B 47 -12.80 7.77 -12.86
N LEU B 48 -12.27 8.33 -11.77
CA LEU B 48 -12.46 7.74 -10.45
C LEU B 48 -13.90 7.99 -9.98
N LEU B 49 -14.46 7.01 -9.29
CA LEU B 49 -15.84 7.05 -8.83
C LEU B 49 -15.91 6.81 -7.32
N GLY B 50 -17.08 7.09 -6.75
CA GLY B 50 -17.28 6.77 -5.34
C GLY B 50 -16.33 7.51 -4.43
N THR B 51 -15.69 6.78 -3.52
CA THR B 51 -14.66 7.29 -2.63
C THR B 51 -13.26 6.90 -3.09
N THR B 52 -13.12 6.49 -4.35
CA THR B 52 -11.85 5.92 -4.79
C THR B 52 -10.78 6.99 -4.99
N GLN B 53 -9.59 6.70 -4.47
CA GLN B 53 -8.39 7.51 -4.68
C GLN B 53 -7.26 6.58 -5.10
N LEU B 54 -6.11 7.17 -5.39
CA LEU B 54 -5.05 6.45 -6.09
C LEU B 54 -4.10 5.67 -5.19
N SER B 55 -3.98 6.05 -3.93
CA SER B 55 -2.94 5.46 -3.09
C SER B 55 -3.41 4.14 -2.50
N PRO B 56 -2.65 3.06 -2.66
CA PRO B 56 -3.04 1.80 -2.01
C PRO B 56 -2.98 1.88 -0.50
N VAL B 57 -2.11 2.74 0.04
CA VAL B 57 -1.91 2.80 1.47
C VAL B 57 -2.86 3.77 2.16
N ASN B 58 -3.67 4.51 1.41
CA ASN B 58 -4.67 5.38 2.01
C ASN B 58 -6.05 4.75 2.06
N ILE B 59 -6.21 3.51 1.60
CA ILE B 59 -7.50 2.86 1.69
C ILE B 59 -7.78 2.51 3.15
N CYS B 60 -8.93 2.93 3.65
CA CYS B 60 -9.34 2.76 5.04
C CYS B 60 -8.46 3.49 6.04
N THR B 61 -7.70 4.50 5.58
CA THR B 61 -6.96 5.38 6.47
C THR B 61 -7.76 6.65 6.70
N PHE B 62 -7.71 7.16 7.92
CA PHE B 62 -8.30 8.45 8.24
C PHE B 62 -7.21 9.39 8.73
N ARG B 63 -7.38 10.68 8.43
CA ARG B 63 -6.50 11.74 8.89
C ARG B 63 -7.35 12.91 9.36
N GLY B 64 -6.94 13.51 10.47
CA GLY B 64 -7.64 14.67 10.98
C GLY B 64 -7.10 15.04 12.35
N ASP B 65 -7.88 15.79 13.10
CA ASP B 65 -7.53 16.14 14.48
C ASP B 65 -8.49 15.41 15.40
N VAL B 66 -8.04 15.14 16.64
CA VAL B 66 -8.83 14.36 17.57
C VAL B 66 -9.16 15.14 18.84
N THR B 67 -10.28 14.78 19.44
CA THR B 67 -10.74 15.34 20.71
C THR B 67 -11.27 14.22 21.57
N HIS B 68 -10.88 14.25 22.84
CA HIS B 68 -11.27 13.20 23.77
C HIS B 68 -12.70 13.41 24.21
N ILE B 69 -13.44 12.31 24.35
CA ILE B 69 -14.78 12.32 24.93
C ILE B 69 -14.65 12.05 26.43
N ALA B 70 -14.92 13.08 27.24
CA ALA B 70 -14.70 13.01 28.67
C ALA B 70 -15.35 11.77 29.28
N GLY B 71 -14.62 11.12 30.19
CA GLY B 71 -15.14 9.99 30.92
C GLY B 71 -15.10 8.68 30.18
N THR B 72 -14.47 8.64 29.01
CA THR B 72 -14.42 7.42 28.22
C THR B 72 -13.00 7.24 27.69
N GLN B 73 -12.81 6.18 26.91
CA GLN B 73 -11.60 5.99 26.11
C GLN B 73 -11.85 6.27 24.62
N GLU B 74 -12.87 7.06 24.32
CA GLU B 74 -13.24 7.36 22.95
C GLU B 74 -12.72 8.72 22.53
N TYR B 75 -12.36 8.84 21.25
CA TYR B 75 -11.95 10.08 20.64
C TYR B 75 -12.77 10.33 19.39
N THR B 76 -13.15 11.59 19.18
CA THR B 76 -13.73 12.01 17.91
C THR B 76 -12.63 12.54 17.01
N MET B 77 -12.60 12.09 15.77
CA MET B 77 -11.70 12.66 14.78
C MET B 77 -12.49 13.56 13.84
N ASN B 78 -12.08 14.81 13.77
CA ASN B 78 -12.57 15.74 12.77
C ASN B 78 -11.68 15.61 11.54
N LEU B 79 -12.28 15.15 10.44
CA LEU B 79 -11.51 14.67 9.32
C LEU B 79 -10.96 15.79 8.45
N ALA B 80 -9.76 15.57 7.95
CA ALA B 80 -9.13 16.33 6.88
C ALA B 80 -9.10 15.49 5.61
N SER B 81 -8.71 16.13 4.51
CA SER B 81 -8.40 15.41 3.27
C SER B 81 -7.09 14.64 3.46
N GLN B 82 -6.81 13.73 2.53
CA GLN B 82 -5.66 12.84 2.71
C GLN B 82 -4.33 13.57 2.66
N ASN B 83 -4.30 14.78 2.11
CA ASN B 83 -3.10 15.61 2.09
C ASN B 83 -3.10 16.68 3.18
N TRP B 84 -4.00 16.58 4.16
CA TRP B 84 -4.13 17.49 5.31
C TRP B 84 -4.88 18.78 4.97
N ASN B 85 -5.30 18.99 3.73
CA ASN B 85 -6.16 20.13 3.43
C ASN B 85 -7.53 19.91 4.06
N ASN B 86 -8.32 20.97 4.08
CA ASN B 86 -9.68 20.87 4.61
C ASN B 86 -10.47 19.81 3.86
N TYR B 87 -11.36 19.13 4.60
CA TYR B 87 -12.37 18.26 4.01
C TYR B 87 -13.67 19.06 3.93
N ASP B 88 -14.25 19.10 2.73
CA ASP B 88 -15.46 19.87 2.43
C ASP B 88 -16.65 18.94 2.32
N PRO B 89 -17.54 18.89 3.31
CA PRO B 89 -18.69 17.97 3.24
C PRO B 89 -19.64 18.26 2.10
N THR B 90 -19.54 19.43 1.46
CA THR B 90 -20.42 19.74 0.35
C THR B 90 -19.89 19.28 -1.00
N GLU B 91 -18.67 18.73 -1.06
CA GLU B 91 -18.19 18.12 -2.29
C GLU B 91 -19.07 16.93 -2.66
N GLU B 92 -19.23 16.70 -3.97
CA GLU B 92 -20.15 15.66 -4.44
C GLU B 92 -19.50 14.27 -4.49
N ILE B 93 -19.05 13.85 -3.31
CA ILE B 93 -18.54 12.50 -3.08
C ILE B 93 -19.32 11.93 -1.92
N PRO B 94 -19.37 10.60 -1.77
CA PRO B 94 -20.17 10.01 -0.68
C PRO B 94 -19.61 10.28 0.69
N ALA B 95 -18.30 10.48 0.78
CA ALA B 95 -17.55 10.54 2.03
C ALA B 95 -16.11 10.87 1.62
N PRO B 96 -15.25 11.17 2.57
CA PRO B 96 -13.84 11.38 2.24
C PRO B 96 -13.25 10.22 1.44
N LEU B 97 -12.31 10.55 0.57
CA LEU B 97 -11.71 9.52 -0.27
C LEU B 97 -10.94 8.52 0.59
N GLY B 98 -11.15 7.23 0.31
CA GLY B 98 -10.58 6.15 1.07
C GLY B 98 -11.38 5.72 2.28
N THR B 99 -12.49 6.37 2.59
CA THR B 99 -13.34 5.91 3.70
C THR B 99 -13.70 4.44 3.51
N PRO B 100 -13.73 3.63 4.57
CA PRO B 100 -14.20 2.25 4.43
C PRO B 100 -15.58 2.18 3.80
N ASP B 101 -15.79 1.16 2.95
CA ASP B 101 -17.03 0.98 2.23
C ASP B 101 -17.75 -0.30 2.65
N PHE B 102 -17.59 -0.70 3.90
CA PHE B 102 -18.32 -1.85 4.44
C PHE B 102 -18.64 -1.57 5.90
N VAL B 103 -19.67 -2.25 6.39
CA VAL B 103 -20.04 -2.20 7.80
C VAL B 103 -19.19 -3.22 8.55
N GLY B 104 -18.42 -2.74 9.50
CA GLY B 104 -17.59 -3.62 10.29
C GLY B 104 -16.77 -2.81 11.27
N LYS B 105 -16.00 -3.52 12.05
CA LYS B 105 -15.15 -2.94 13.07
C LYS B 105 -13.71 -3.12 12.62
N ILE B 106 -13.04 -2.00 12.34
CA ILE B 106 -11.69 -1.99 11.79
C ILE B 106 -10.76 -1.57 12.92
N GLN B 107 -9.82 -2.43 13.24
CA GLN B 107 -8.82 -2.14 14.25
C GLN B 107 -7.55 -1.66 13.59
N GLY B 108 -6.92 -0.69 14.21
CA GLY B 108 -5.64 -0.17 13.76
C GLY B 108 -4.99 0.62 14.85
N VAL B 109 -4.25 1.66 14.44
CA VAL B 109 -3.50 2.49 15.38
C VAL B 109 -3.65 3.95 15.00
N LEU B 110 -3.90 4.80 16.01
CA LEU B 110 -3.88 6.26 15.84
C LEU B 110 -2.50 6.74 16.22
N THR B 111 -1.88 7.56 15.38
CA THR B 111 -0.58 8.14 15.65
C THR B 111 -0.58 9.64 15.40
N GLN B 112 0.31 10.36 16.09
CA GLN B 112 0.47 11.79 15.86
C GLN B 112 1.86 12.20 16.33
N THR B 113 2.31 13.34 15.78
CA THR B 113 3.60 13.93 16.10
C THR B 113 3.43 15.40 16.45
N THR B 114 4.16 15.87 17.46
CA THR B 114 4.27 17.29 17.75
C THR B 114 5.42 17.89 16.94
N ARG B 115 5.11 18.89 16.13
CA ARG B 115 6.13 19.44 15.24
C ARG B 115 7.23 20.14 16.03
N GLY B 116 6.90 20.76 17.16
CA GLY B 116 7.89 21.58 17.84
C GLY B 116 9.10 20.81 18.33
N ASP B 117 8.89 19.58 18.81
CA ASP B 117 9.96 18.79 19.37
C ASP B 117 10.09 17.40 18.76
N GLY B 118 9.21 17.02 17.85
CA GLY B 118 9.25 15.68 17.30
C GLY B 118 8.80 14.57 18.22
N SER B 119 8.07 14.88 19.29
CA SER B 119 7.53 13.83 20.14
C SER B 119 6.39 13.12 19.40
N THR B 120 6.21 11.84 19.69
CA THR B 120 5.22 11.02 18.99
C THR B 120 4.45 10.15 19.97
N ARG B 121 3.23 9.81 19.56
CA ARG B 121 2.30 9.03 20.36
C ARG B 121 1.48 8.13 19.46
N GLY B 122 1.22 6.92 19.93
CA GLY B 122 0.44 5.96 19.17
C GLY B 122 -0.38 5.08 20.07
N HIS B 123 -1.64 4.83 19.70
CA HIS B 123 -2.51 4.01 20.50
C HIS B 123 -3.42 3.15 19.63
N LYS B 124 -3.66 1.93 20.12
CA LYS B 124 -4.65 1.06 19.53
C LYS B 124 -5.99 1.78 19.44
N ALA B 125 -6.68 1.56 18.33
CA ALA B 125 -7.96 2.21 18.06
C ALA B 125 -8.81 1.33 17.16
N THR B 126 -10.11 1.38 17.38
CA THR B 126 -11.06 0.65 16.56
C THR B 126 -12.14 1.62 16.11
N VAL B 127 -12.53 1.54 14.85
CA VAL B 127 -13.65 2.30 14.31
C VAL B 127 -14.74 1.32 13.91
N SER B 128 -15.94 1.52 14.43
CA SER B 128 -17.10 0.71 14.11
C SER B 128 -17.91 1.47 13.08
N THR B 129 -17.86 1.01 11.82
CA THR B 129 -18.46 1.82 10.76
C THR B 129 -19.98 1.70 10.70
N GLY B 130 -20.58 0.77 11.46
CA GLY B 130 -22.01 0.76 11.63
C GLY B 130 -22.56 1.60 12.77
N SER B 131 -21.70 2.29 13.49
CA SER B 131 -22.11 3.07 14.66
C SER B 131 -22.78 4.39 14.24
N VAL B 132 -23.71 4.86 15.08
CA VAL B 132 -24.35 6.14 14.82
C VAL B 132 -23.34 7.29 14.78
N HIS B 133 -22.17 7.12 15.40
CA HIS B 133 -21.14 8.15 15.42
C HIS B 133 -20.19 8.05 14.23
N PHE B 134 -20.39 7.09 13.35
CA PHE B 134 -19.62 7.00 12.11
C PHE B 134 -20.30 7.92 11.10
N THR B 135 -19.80 9.15 11.01
CA THR B 135 -20.40 10.17 10.16
C THR B 135 -19.34 10.85 9.30
N PRO B 136 -18.55 10.08 8.55
CA PRO B 136 -17.44 10.68 7.80
C PRO B 136 -17.89 11.72 6.80
N LYS B 137 -19.04 11.55 6.16
CA LYS B 137 -19.51 12.55 5.21
C LYS B 137 -19.75 13.90 5.89
N LEU B 138 -20.19 13.88 7.16
CA LEU B 138 -20.36 15.10 7.93
C LEU B 138 -19.05 15.63 8.47
N GLY B 139 -17.97 14.85 8.35
CA GLY B 139 -16.67 15.29 8.76
C GLY B 139 -16.14 14.69 10.04
N SER B 140 -16.79 13.67 10.60
CA SER B 140 -16.25 13.10 11.83
C SER B 140 -16.55 11.63 11.99
N VAL B 141 -15.63 10.95 12.65
CA VAL B 141 -15.81 9.56 13.06
C VAL B 141 -15.31 9.44 14.49
N GLN B 142 -15.73 8.38 15.16
CA GLN B 142 -15.38 8.13 16.54
C GLN B 142 -14.56 6.84 16.62
N PHE B 143 -13.49 6.88 17.43
CA PHE B 143 -12.65 5.73 17.66
C PHE B 143 -12.72 5.32 19.13
N SER B 144 -12.74 4.00 19.37
CA SER B 144 -12.51 3.45 20.70
C SER B 144 -11.04 3.15 20.85
N THR B 145 -10.43 3.63 21.91
CA THR B 145 -8.98 3.49 22.07
C THR B 145 -8.63 2.84 23.40
N ASP B 146 -7.33 2.63 23.63
CA ASP B 146 -6.86 2.16 24.92
C ASP B 146 -6.39 3.27 25.85
N THR B 147 -6.79 4.52 25.60
CA THR B 147 -6.29 5.60 26.43
C THR B 147 -7.37 6.64 26.68
N SER B 148 -7.16 7.43 27.73
CA SER B 148 -8.02 8.58 28.01
C SER B 148 -7.26 9.88 28.16
N ASN B 149 -5.92 9.88 28.02
CA ASN B 149 -5.15 11.09 28.34
C ASN B 149 -3.95 11.35 27.45
N ASP B 150 -3.77 10.67 26.33
CA ASP B 150 -2.50 10.74 25.61
C ASP B 150 -2.64 11.12 24.12
N PHE B 151 -3.53 12.03 23.79
CA PHE B 151 -3.50 12.65 22.48
C PHE B 151 -3.68 14.16 22.63
N GLU B 152 -2.92 14.88 21.83
CA GLU B 152 -3.08 16.33 21.68
C GLU B 152 -4.25 16.65 20.76
N THR B 153 -4.96 17.73 21.07
CA THR B 153 -5.94 18.31 20.17
C THR B 153 -5.25 19.24 19.17
N GLY B 154 -5.97 19.59 18.11
CA GLY B 154 -5.44 20.54 17.14
C GLY B 154 -4.18 20.08 16.46
N GLN B 155 -4.04 18.78 16.26
CA GLN B 155 -2.81 18.20 15.77
C GLN B 155 -3.10 17.08 14.78
N ASN B 156 -2.41 17.11 13.65
CA ASN B 156 -2.59 16.08 12.63
C ASN B 156 -2.40 14.69 13.22
N THR B 157 -3.40 13.84 13.03
CA THR B 157 -3.44 12.49 13.58
C THR B 157 -3.89 11.53 12.49
N LYS B 158 -3.27 10.37 12.43
CA LYS B 158 -3.52 9.38 11.39
C LYS B 158 -4.04 8.09 12.01
N PHE B 159 -5.03 7.48 11.37
CA PHE B 159 -5.45 6.10 11.67
C PHE B 159 -4.90 5.18 10.58
N THR B 160 -4.06 4.24 10.98
CA THR B 160 -3.56 3.20 10.09
C THR B 160 -4.39 1.95 10.31
N PRO B 161 -5.08 1.44 9.30
CA PRO B 161 -5.87 0.21 9.49
C PRO B 161 -4.97 -1.01 9.49
N VAL B 162 -5.38 -2.02 10.28
CA VAL B 162 -4.68 -3.29 10.35
C VAL B 162 -5.58 -4.47 9.97
N GLY B 163 -6.74 -4.57 10.60
CA GLY B 163 -7.57 -5.72 10.35
C GLY B 163 -8.95 -5.49 10.89
N VAL B 164 -9.74 -6.57 10.95
CA VAL B 164 -11.12 -6.48 11.37
C VAL B 164 -11.36 -7.32 12.62
N VAL B 165 -12.41 -6.94 13.37
CA VAL B 165 -12.80 -7.52 14.64
C VAL B 165 -14.24 -7.99 14.56
N GLN B 166 -14.51 -9.08 15.24
CA GLN B 166 -15.88 -9.54 15.47
C GLN B 166 -16.09 -9.60 16.97
N ASP B 167 -17.15 -8.97 17.44
CA ASP B 167 -17.49 -9.03 18.85
C ASP B 167 -18.96 -8.71 18.99
N GLY B 168 -19.51 -8.96 20.17
CA GLY B 168 -20.88 -8.63 20.42
C GLY B 168 -21.90 -9.64 19.91
N SER B 169 -21.45 -10.80 19.45
CA SER B 169 -22.35 -11.84 18.99
C SER B 169 -21.61 -13.16 19.08
N THR B 170 -22.33 -14.21 19.47
CA THR B 170 -21.77 -15.55 19.44
C THR B 170 -21.81 -16.17 18.06
N THR B 171 -22.60 -15.61 17.14
CA THR B 171 -22.67 -16.13 15.78
C THR B 171 -21.40 -15.76 15.04
N HIS B 172 -20.75 -16.76 14.47
CA HIS B 172 -19.48 -16.53 13.81
C HIS B 172 -19.69 -15.97 12.41
N GLN B 173 -18.72 -15.15 12.00
CA GLN B 173 -18.65 -14.57 10.65
C GLN B 173 -19.86 -13.70 10.32
N ASN B 174 -20.53 -13.14 11.33
CA ASN B 174 -21.66 -12.26 11.07
C ASN B 174 -21.24 -10.85 10.64
N GLU B 175 -20.00 -10.47 10.90
CA GLU B 175 -19.45 -9.19 10.51
C GLU B 175 -17.96 -9.39 10.23
N PRO B 176 -17.33 -8.51 9.44
CA PRO B 176 -17.94 -7.44 8.64
C PRO B 176 -18.97 -7.94 7.62
N GLN B 177 -19.74 -7.00 7.13
CA GLN B 177 -20.71 -7.23 6.06
C GLN B 177 -20.20 -6.47 4.85
N GLN B 178 -19.45 -7.16 3.99
CA GLN B 178 -18.67 -6.46 2.97
C GLN B 178 -19.54 -5.80 1.91
N TRP B 179 -20.78 -6.23 1.73
CA TRP B 179 -21.65 -5.64 0.74
C TRP B 179 -22.68 -4.68 1.34
N VAL B 180 -22.57 -4.35 2.62
CA VAL B 180 -23.44 -3.35 3.21
C VAL B 180 -22.62 -2.08 3.41
N LEU B 181 -23.00 -1.01 2.72
CA LEU B 181 -22.31 0.25 2.89
C LEU B 181 -22.65 0.85 4.26
N PRO B 182 -21.68 1.50 4.90
CA PRO B 182 -22.02 2.33 6.05
C PRO B 182 -22.97 3.45 5.64
N ASP B 183 -23.65 4.00 6.63
CA ASP B 183 -24.35 5.27 6.47
C ASP B 183 -23.36 6.38 6.72
N TYR B 184 -22.83 6.94 5.63
CA TYR B 184 -21.75 7.90 5.74
C TYR B 184 -22.13 9.16 6.51
N SER B 185 -23.43 9.51 6.54
CA SER B 185 -23.90 10.66 7.31
C SER B 185 -24.64 10.23 8.58
N GLY B 186 -24.55 8.96 8.97
CA GLY B 186 -25.28 8.47 10.10
C GLY B 186 -26.76 8.63 9.90
N ARG B 187 -27.46 8.98 10.97
CA ARG B 187 -28.91 9.16 10.93
C ARG B 187 -29.33 10.45 10.28
N ASP B 188 -28.41 11.36 9.97
CA ASP B 188 -28.78 12.67 9.46
C ASP B 188 -29.22 12.63 8.01
N SER B 189 -28.67 11.72 7.22
CA SER B 189 -29.06 11.65 5.83
C SER B 189 -28.68 10.29 5.27
N HIS B 190 -29.31 9.94 4.15
CA HIS B 190 -28.94 8.75 3.38
C HIS B 190 -27.72 9.01 2.54
N ASN B 191 -27.10 7.92 2.11
CA ASN B 191 -25.90 7.99 1.28
C ASN B 191 -26.22 8.64 -0.06
N VAL B 192 -25.28 9.44 -0.56
CA VAL B 192 -25.41 10.15 -1.83
C VAL B 192 -24.13 10.04 -2.64
N HIS B 193 -24.26 10.30 -3.94
CA HIS B 193 -23.13 10.36 -4.86
C HIS B 193 -22.40 9.03 -4.99
N LEU B 194 -23.13 7.94 -4.86
CA LEU B 194 -22.51 6.62 -4.86
C LEU B 194 -22.16 6.15 -6.26
N ALA B 195 -21.01 5.48 -6.38
CA ALA B 195 -20.72 4.72 -7.60
C ALA B 195 -21.84 3.71 -7.80
N PRO B 196 -22.20 3.40 -9.03
CA PRO B 196 -23.40 2.56 -9.24
C PRO B 196 -23.30 1.16 -8.68
N ALA B 197 -24.46 0.60 -8.35
CA ALA B 197 -24.51 -0.83 -8.08
C ALA B 197 -24.24 -1.57 -9.39
N VAL B 198 -23.63 -2.74 -9.28
CA VAL B 198 -23.27 -3.52 -10.46
C VAL B 198 -23.91 -4.88 -10.40
N ALA B 199 -24.30 -5.38 -11.57
CA ALA B 199 -24.90 -6.69 -11.67
C ALA B 199 -24.66 -7.21 -13.07
N PRO B 200 -24.52 -8.52 -13.25
CA PRO B 200 -24.52 -9.04 -14.62
C PRO B 200 -25.89 -8.80 -15.24
N THR B 201 -25.89 -8.39 -16.49
CA THR B 201 -27.11 -8.11 -17.22
C THR B 201 -27.26 -9.00 -18.44
N PHE B 202 -26.31 -9.91 -18.67
CA PHE B 202 -26.25 -10.82 -19.80
C PHE B 202 -26.53 -12.23 -19.30
N PRO B 203 -27.38 -13.02 -19.96
CA PRO B 203 -27.71 -14.35 -19.42
C PRO B 203 -26.48 -15.22 -19.27
N GLY B 204 -26.41 -15.95 -18.16
CA GLY B 204 -25.30 -16.85 -17.90
C GLY B 204 -24.04 -16.20 -17.36
N GLU B 205 -24.00 -14.89 -17.17
CA GLU B 205 -22.81 -14.22 -16.65
C GLU B 205 -22.91 -13.99 -15.15
N GLN B 206 -21.74 -13.92 -14.51
CA GLN B 206 -21.58 -13.54 -13.11
C GLN B 206 -20.45 -12.54 -13.00
N LEU B 207 -20.45 -11.78 -11.92
CA LEU B 207 -19.30 -10.93 -11.64
C LEU B 207 -18.08 -11.78 -11.36
N LEU B 208 -16.92 -11.25 -11.74
CA LEU B 208 -15.63 -11.81 -11.34
C LEU B 208 -15.04 -10.89 -10.27
N PHE B 209 -14.67 -11.46 -9.15
CA PHE B 209 -14.19 -10.72 -7.99
C PHE B 209 -12.71 -10.97 -7.78
N PHE B 210 -11.99 -9.93 -7.39
CA PHE B 210 -10.58 -9.99 -6.98
C PHE B 210 -10.60 -10.09 -5.47
N ARG B 211 -10.19 -11.24 -4.94
CA ARG B 211 -10.45 -11.59 -3.54
C ARG B 211 -9.19 -11.61 -2.69
N SER B 212 -9.34 -11.08 -1.48
CA SER B 212 -8.33 -11.14 -0.44
C SER B 212 -8.97 -11.65 0.84
N THR B 213 -8.11 -11.95 1.82
CA THR B 213 -8.52 -12.29 3.18
C THR B 213 -7.98 -11.22 4.12
N MET B 214 -8.88 -10.47 4.75
CA MET B 214 -8.43 -9.41 5.64
C MET B 214 -7.84 -10.03 6.90
N PRO B 215 -6.81 -9.42 7.48
CA PRO B 215 -6.38 -9.84 8.81
C PRO B 215 -7.49 -9.69 9.82
N GLY B 216 -7.59 -10.64 10.73
CA GLY B 216 -8.52 -10.60 11.85
C GLY B 216 -7.75 -10.33 13.13
N CYS B 217 -8.33 -9.49 13.99
CA CYS B 217 -7.68 -9.07 15.22
C CYS B 217 -8.37 -9.54 16.50
N SER B 218 -9.59 -10.08 16.39
CA SER B 218 -10.32 -10.61 17.54
C SER B 218 -11.61 -11.24 17.04
N GLY B 219 -12.03 -12.28 17.74
CA GLY B 219 -13.30 -12.90 17.44
C GLY B 219 -13.23 -13.79 16.21
N TYR B 220 -14.40 -13.93 15.57
CA TYR B 220 -14.57 -14.80 14.40
C TYR B 220 -15.12 -13.99 13.23
N PRO B 221 -14.34 -13.04 12.71
CA PRO B 221 -14.84 -12.18 11.63
C PRO B 221 -14.92 -12.90 10.30
N ASN B 222 -15.84 -12.42 9.45
CA ASN B 222 -15.84 -12.80 8.04
C ASN B 222 -14.75 -12.00 7.36
N MET B 223 -13.65 -12.65 7.00
CA MET B 223 -12.50 -11.94 6.49
C MET B 223 -12.45 -11.88 4.95
N ASN B 224 -13.44 -12.41 4.25
CA ASN B 224 -13.44 -12.30 2.79
C ASN B 224 -13.63 -10.86 2.35
N LEU B 225 -12.84 -10.43 1.38
CA LEU B 225 -12.97 -9.07 0.85
C LEU B 225 -12.78 -9.12 -0.67
N ASP B 226 -13.84 -8.79 -1.38
CA ASP B 226 -13.87 -8.86 -2.83
C ASP B 226 -13.94 -7.45 -3.41
N CYS B 227 -13.05 -7.17 -4.34
CA CYS B 227 -13.09 -5.90 -5.05
C CYS B 227 -13.36 -6.13 -6.54
N LEU B 228 -13.87 -5.07 -7.18
CA LEU B 228 -14.22 -5.17 -8.59
C LEU B 228 -13.03 -4.93 -9.50
N LEU B 229 -12.02 -4.19 -9.04
CA LEU B 229 -10.84 -3.86 -9.82
C LEU B 229 -9.66 -3.87 -8.86
N PRO B 230 -8.53 -4.47 -9.22
CA PRO B 230 -7.32 -4.27 -8.43
C PRO B 230 -6.96 -2.80 -8.34
N GLN B 231 -6.31 -2.42 -7.23
CA GLN B 231 -5.88 -1.02 -7.11
C GLN B 231 -4.93 -0.65 -8.25
N GLU B 232 -4.08 -1.57 -8.69
CA GLU B 232 -3.16 -1.25 -9.78
C GLU B 232 -3.90 -0.95 -11.07
N TRP B 233 -5.07 -1.56 -11.27
CA TRP B 233 -5.87 -1.24 -12.47
C TRP B 233 -6.43 0.16 -12.36
N VAL B 234 -6.91 0.55 -11.18
CA VAL B 234 -7.36 1.93 -10.97
C VAL B 234 -6.24 2.90 -11.31
N GLN B 235 -5.04 2.66 -10.77
CA GLN B 235 -3.92 3.55 -11.04
C GLN B 235 -3.59 3.59 -12.53
N HIS B 236 -3.61 2.42 -13.18
CA HIS B 236 -3.28 2.34 -14.59
C HIS B 236 -4.28 3.11 -15.45
N PHE B 237 -5.57 2.88 -15.24
CA PHE B 237 -6.58 3.54 -16.06
C PHE B 237 -6.53 5.06 -15.84
N TYR B 238 -6.34 5.49 -14.60
CA TYR B 238 -6.26 6.91 -14.31
C TYR B 238 -5.14 7.56 -15.11
N GLN B 239 -3.98 6.91 -15.15
CA GLN B 239 -2.84 7.49 -15.84
C GLN B 239 -2.99 7.40 -17.36
N GLU B 240 -3.45 6.24 -17.87
CA GLU B 240 -3.50 6.06 -19.33
C GLU B 240 -4.64 6.85 -19.94
N ALA B 241 -5.81 6.86 -19.30
CA ALA B 241 -7.00 7.55 -19.82
C ALA B 241 -7.22 7.21 -21.29
N ALA B 242 -7.08 5.94 -21.62
CA ALA B 242 -7.27 5.50 -22.99
C ALA B 242 -8.75 5.53 -23.33
N PRO B 243 -9.14 6.07 -24.47
CA PRO B 243 -10.59 6.16 -24.76
C PRO B 243 -11.22 4.78 -24.88
N ALA B 244 -12.45 4.66 -24.40
CA ALA B 244 -13.21 3.42 -24.53
C ALA B 244 -13.89 3.42 -25.88
N GLN B 245 -13.51 2.48 -26.73
CA GLN B 245 -14.04 2.43 -28.09
C GLN B 245 -15.37 1.67 -28.18
N SER B 246 -15.74 0.93 -27.13
CA SER B 246 -17.09 0.43 -26.96
C SER B 246 -17.37 0.36 -25.47
N ASP B 247 -18.47 -0.28 -25.09
CA ASP B 247 -18.81 -0.38 -23.68
C ASP B 247 -18.15 -1.58 -22.99
N VAL B 248 -17.49 -2.46 -23.74
CA VAL B 248 -16.99 -3.72 -23.21
C VAL B 248 -15.64 -4.04 -23.80
N ALA B 249 -14.64 -4.22 -22.94
CA ALA B 249 -13.31 -4.68 -23.31
C ALA B 249 -13.20 -6.17 -23.04
N LEU B 250 -12.82 -6.93 -24.07
CA LEU B 250 -12.62 -8.37 -23.94
C LEU B 250 -11.20 -8.64 -23.48
N LEU B 251 -11.05 -9.27 -22.32
CA LEU B 251 -9.76 -9.66 -21.78
C LEU B 251 -9.63 -11.17 -21.81
N ARG B 252 -8.42 -11.65 -22.07
CA ARG B 252 -8.08 -13.05 -21.96
C ARG B 252 -7.09 -13.22 -20.82
N PHE B 253 -7.32 -14.20 -19.95
CA PHE B 253 -6.37 -14.52 -18.90
C PHE B 253 -5.44 -15.61 -19.43
N VAL B 254 -4.13 -15.32 -19.44
CA VAL B 254 -3.20 -16.13 -20.20
C VAL B 254 -2.02 -16.60 -19.36
N ASN B 255 -1.53 -17.80 -19.69
CA ASN B 255 -0.31 -18.32 -19.09
C ASN B 255 0.85 -17.92 -19.99
N PRO B 256 1.74 -17.02 -19.56
CA PRO B 256 2.83 -16.58 -20.44
C PRO B 256 3.82 -17.69 -20.79
N ASP B 257 3.88 -18.76 -20.00
CA ASP B 257 4.84 -19.81 -20.28
C ASP B 257 4.44 -20.58 -21.54
N THR B 258 3.14 -20.78 -21.74
CA THR B 258 2.64 -21.68 -22.76
C THR B 258 1.76 -21.01 -23.80
N GLY B 259 1.35 -19.76 -23.58
CA GLY B 259 0.40 -19.12 -24.46
C GLY B 259 -1.03 -19.55 -24.26
N ARG B 260 -1.29 -20.55 -23.42
CA ARG B 260 -2.65 -21.05 -23.26
C ARG B 260 -3.52 -19.98 -22.63
N VAL B 261 -4.73 -19.84 -23.17
CA VAL B 261 -5.74 -18.96 -22.59
C VAL B 261 -6.58 -19.80 -21.64
N LEU B 262 -6.58 -19.42 -20.37
CA LEU B 262 -7.35 -20.15 -19.37
C LEU B 262 -8.83 -19.79 -19.43
N PHE B 263 -9.13 -18.51 -19.60
CA PHE B 263 -10.51 -18.07 -19.72
C PHE B 263 -10.52 -16.66 -20.30
N GLU B 264 -11.71 -16.22 -20.71
CA GLU B 264 -11.91 -14.87 -21.18
C GLU B 264 -13.01 -14.21 -20.35
N CYS B 265 -12.99 -12.87 -20.32
CA CYS B 265 -13.93 -12.13 -19.50
C CYS B 265 -14.19 -10.77 -20.13
N LYS B 266 -15.25 -10.11 -19.66
CA LYS B 266 -15.61 -8.78 -20.11
C LYS B 266 -15.26 -7.77 -19.02
N LEU B 267 -14.51 -6.76 -19.39
CA LEU B 267 -14.26 -5.61 -18.53
C LEU B 267 -15.16 -4.49 -19.04
N HIS B 268 -16.22 -4.21 -18.31
CA HIS B 268 -17.14 -3.15 -18.69
C HIS B 268 -16.52 -1.78 -18.49
N LYS B 269 -16.83 -0.86 -19.42
CA LYS B 269 -16.28 0.49 -19.40
C LYS B 269 -16.47 1.18 -18.06
N SER B 270 -17.57 0.90 -17.38
CA SER B 270 -17.86 1.53 -16.10
C SER B 270 -17.08 0.92 -14.95
N GLY B 271 -16.30 -0.13 -15.19
CA GLY B 271 -15.32 -0.60 -14.24
C GLY B 271 -15.65 -1.82 -13.40
N TYR B 272 -15.98 -2.93 -14.05
CA TYR B 272 -16.18 -4.20 -13.38
C TYR B 272 -16.07 -5.30 -14.41
N VAL B 273 -15.90 -6.53 -13.94
CA VAL B 273 -15.61 -7.66 -14.80
C VAL B 273 -16.70 -8.73 -14.65
N THR B 274 -17.10 -9.33 -15.78
CA THR B 274 -17.97 -10.50 -15.73
C THR B 274 -17.37 -11.69 -16.49
N VAL B 275 -17.82 -12.87 -16.10
CA VAL B 275 -17.44 -14.13 -16.72
C VAL B 275 -18.71 -14.92 -17.01
N ALA B 276 -18.59 -15.88 -17.91
CA ALA B 276 -19.70 -16.79 -18.23
C ALA B 276 -19.54 -18.01 -17.34
N HIS B 277 -20.23 -18.02 -16.21
CA HIS B 277 -20.22 -19.15 -15.29
C HIS B 277 -21.47 -19.10 -14.44
N THR B 278 -21.94 -20.28 -14.00
CA THR B 278 -23.05 -20.38 -13.07
C THR B 278 -22.58 -21.16 -11.83
N GLY B 279 -22.61 -20.49 -10.69
CA GLY B 279 -22.26 -21.10 -9.42
C GLY B 279 -21.06 -20.45 -8.78
N GLN B 280 -20.83 -20.82 -7.52
CA GLN B 280 -19.69 -20.31 -6.78
C GLN B 280 -18.44 -21.09 -7.17
N HIS B 281 -17.36 -20.37 -7.45
CA HIS B 281 -16.16 -21.03 -7.95
C HIS B 281 -14.92 -20.22 -7.62
N ASP B 282 -13.95 -20.85 -6.96
CA ASP B 282 -12.60 -20.32 -6.84
C ASP B 282 -11.78 -20.73 -8.06
N LEU B 283 -11.34 -19.74 -8.83
CA LEU B 283 -10.64 -20.05 -10.07
C LEU B 283 -9.27 -20.64 -9.77
N VAL B 284 -8.89 -21.64 -10.56
CA VAL B 284 -7.59 -22.28 -10.46
C VAL B 284 -6.73 -21.68 -11.57
N ILE B 285 -5.67 -20.98 -11.20
CA ILE B 285 -4.88 -20.22 -12.17
C ILE B 285 -3.39 -20.52 -12.00
N PRO B 286 -2.61 -20.48 -13.06
CA PRO B 286 -1.17 -20.67 -12.91
C PRO B 286 -0.54 -19.45 -12.25
N PRO B 287 0.55 -19.64 -11.51
CA PRO B 287 1.11 -18.52 -10.71
C PRO B 287 1.58 -17.35 -11.56
N ASN B 288 1.88 -17.56 -12.84
CA ASN B 288 2.36 -16.51 -13.71
C ASN B 288 1.27 -15.94 -14.62
N GLY B 289 0.02 -16.37 -14.45
CA GLY B 289 -1.03 -15.90 -15.33
C GLY B 289 -1.31 -14.41 -15.16
N TYR B 290 -1.83 -13.79 -16.22
CA TYR B 290 -2.17 -12.38 -16.17
C TYR B 290 -3.27 -12.10 -17.19
N PHE B 291 -3.92 -10.95 -17.02
CA PHE B 291 -4.99 -10.53 -17.92
C PHE B 291 -4.43 -9.74 -19.09
N ARG B 292 -4.99 -9.97 -20.29
CA ARG B 292 -4.55 -9.34 -21.51
C ARG B 292 -5.74 -8.78 -22.27
N PHE B 293 -5.72 -7.48 -22.57
CA PHE B 293 -6.77 -6.90 -23.39
C PHE B 293 -6.60 -7.30 -24.86
N ASP B 294 -7.65 -7.84 -25.45
CA ASP B 294 -7.57 -8.27 -26.85
C ASP B 294 -8.46 -7.50 -27.81
N SER B 295 -9.65 -7.07 -27.39
CA SER B 295 -10.54 -6.40 -28.33
C SER B 295 -11.68 -5.67 -27.62
N TRP B 296 -12.10 -4.56 -28.22
CA TRP B 296 -13.36 -3.92 -27.86
C TRP B 296 -14.48 -4.69 -28.54
N VAL B 297 -15.55 -5.00 -27.80
CA VAL B 297 -16.63 -5.80 -28.37
C VAL B 297 -17.95 -5.05 -28.21
N ASN B 298 -18.93 -5.44 -29.05
CA ASN B 298 -20.23 -4.78 -29.05
C ASN B 298 -21.12 -5.38 -27.97
N GLN B 299 -22.37 -4.94 -27.94
CA GLN B 299 -23.34 -5.29 -26.90
C GLN B 299 -23.93 -6.68 -27.07
N PHE B 300 -23.55 -7.41 -28.12
CA PHE B 300 -24.11 -8.73 -28.38
C PHE B 300 -23.11 -9.86 -28.17
N TYR B 301 -22.02 -9.62 -27.46
CA TYR B 301 -20.92 -10.58 -27.37
C TYR B 301 -21.16 -11.60 -26.26
N THR B 302 -21.13 -12.88 -26.61
CA THR B 302 -21.31 -13.97 -25.65
C THR B 302 -19.96 -14.62 -25.34
N LEU B 303 -19.57 -14.61 -24.06
CA LEU B 303 -18.29 -15.17 -23.69
C LEU B 303 -18.31 -16.69 -23.76
N ALA B 304 -17.15 -17.27 -24.05
CA ALA B 304 -16.98 -18.71 -23.92
C ALA B 304 -17.07 -19.09 -22.45
N PRO B 305 -17.76 -20.16 -22.09
CA PRO B 305 -17.82 -20.60 -20.70
C PRO B 305 -16.43 -20.75 -20.10
N MET B 306 -16.30 -20.37 -18.82
CA MET B 306 -15.01 -20.46 -18.14
C MET B 306 -14.93 -21.74 -17.32
C1 EDO C . -2.70 -13.33 9.55
O1 EDO C . -3.53 -12.26 10.01
C2 EDO C . -3.50 -14.35 8.78
O2 EDO C . -4.03 -13.69 7.62
H11 EDO C . -2.23 -13.81 10.42
H12 EDO C . -1.91 -12.93 8.92
HO1 EDO C . -3.47 -11.51 9.39
H21 EDO C . -4.32 -14.75 9.39
H22 EDO C . -2.87 -15.20 8.48
HO2 EDO C . -3.91 -14.26 6.85
C1 EDO D . 14.65 -8.48 -5.84
O1 EDO D . 13.36 -8.96 -6.23
C2 EDO D . 15.69 -9.52 -6.16
O2 EDO D . 16.98 -9.04 -5.75
H11 EDO D . 14.65 -8.26 -4.77
H12 EDO D . 14.87 -7.55 -6.38
HO1 EDO D . 12.71 -8.69 -5.56
H21 EDO D . 15.70 -9.73 -7.24
H22 EDO D . 15.46 -10.45 -5.64
HO2 EDO D . 17.46 -9.76 -5.30
C FMT E . 27.07 14.44 -1.93
O1 FMT E . 27.70 14.76 -2.94
O2 FMT E . 27.44 14.77 -0.80
H FMT E . 26.07 14.03 -2.02
HO2 FMT E . 27.84 15.65 -0.66
C FMT F . 21.03 24.33 -0.35
O1 FMT F . 21.05 24.25 0.87
O2 FMT F . 20.22 25.03 -0.95
H FMT F . 21.90 24.02 -0.94
HO2 FMT F . 20.09 25.97 -0.69
C1 EDO G . 15.13 21.93 4.71
O1 EDO G . 15.47 20.64 4.18
C2 EDO G . 15.66 22.99 3.75
O2 EDO G . 14.81 23.02 2.59
H11 EDO G . 15.59 22.06 5.70
H12 EDO G . 14.05 22.01 4.83
HO1 EDO G . 14.72 20.04 4.30
H21 EDO G . 16.69 22.76 3.47
H22 EDO G . 15.66 23.96 4.24
HO2 EDO G . 14.71 23.93 2.29
C1 EDO H . -11.61 -14.90 20.25
O1 EDO H . -11.11 -13.58 20.04
C2 EDO H . -11.06 -15.76 19.14
O2 EDO H . -9.61 -15.76 19.21
H11 EDO H . -12.70 -14.90 20.22
H12 EDO H . -11.30 -15.28 21.22
HO1 EDO H . -11.70 -12.95 20.47
H21 EDO H . -11.39 -15.38 18.18
H22 EDO H . -11.43 -16.78 19.25
HO2 EDO H . -9.26 -15.12 18.59
C1 EDO I . 19.29 12.31 2.89
O1 EDO I . 18.94 11.21 3.72
C2 EDO I . 20.81 12.40 2.77
O2 EDO I . 21.13 13.77 2.56
H11 EDO I . 18.90 13.23 3.33
H12 EDO I . 18.84 12.18 1.91
HO1 EDO I . 18.20 10.73 3.32
H21 EDO I . 21.15 11.79 1.93
H22 EDO I . 21.28 12.02 3.68
HO2 EDO I . 21.76 13.85 1.82
C FMT J . 22.95 -0.75 -15.41
O1 FMT J . 24.06 -0.30 -15.09
O2 FMT J . 22.31 -1.49 -14.69
H FMT J . 22.39 -0.24 -16.18
HO2 FMT J . 21.70 -1.11 -14.01
C1 EDO K . 17.38 25.25 2.02
O1 EDO K . 16.09 25.82 1.81
C2 EDO K . 18.25 25.60 0.82
O2 EDO K . 17.57 26.53 -0.03
H11 EDO K . 17.30 24.16 2.13
H12 EDO K . 17.83 25.64 2.93
HO1 EDO K . 15.51 25.17 1.38
H21 EDO K . 18.47 24.69 0.25
H22 EDO K . 19.19 26.01 1.16
HO2 EDO K . 18.13 27.30 -0.17
C1 EDO L . 7.53 12.49 25.24
O1 EDO L . 6.40 13.24 24.78
C2 EDO L . 7.94 11.44 24.21
O2 EDO L . 8.50 10.32 24.92
H11 EDO L . 7.28 12.00 26.18
H12 EDO L . 8.37 13.16 25.43
HO1 EDO L . 5.90 13.55 25.54
H21 EDO L . 8.67 11.85 23.52
H22 EDO L . 7.07 11.12 23.63
HO2 EDO L . 9.36 10.09 24.54
C1 EDO M . 15.12 -13.55 25.79
O1 EDO M . 15.50 -14.80 25.22
C2 EDO M . 14.62 -12.63 24.67
O2 EDO M . 15.62 -12.50 23.66
H11 EDO M . 15.98 -13.09 26.29
H12 EDO M . 14.34 -13.69 26.54
HO1 EDO M . 15.99 -15.33 25.87
H21 EDO M . 14.37 -11.65 25.08
H22 EDO M . 13.70 -13.06 24.25
HO2 EDO M . 15.64 -13.30 23.11
C1 EDO N . 17.91 16.00 7.02
O1 EDO N . 16.71 16.65 6.59
C2 EDO N . 18.23 14.83 6.07
O2 EDO N . 19.60 14.44 6.24
H11 EDO N . 17.78 15.61 8.04
H12 EDO N . 18.74 16.71 7.03
HO1 EDO N . 16.18 16.92 7.37
H21 EDO N . 18.06 15.14 5.04
H22 EDO N . 17.58 13.99 6.28
HO2 EDO N . 19.88 13.91 5.47
C1 EDO O . 12.79 -17.01 -1.75
O1 EDO O . 12.04 -17.94 -0.95
C2 EDO O . 12.10 -15.64 -1.73
O2 EDO O . 11.01 -15.69 -0.80
H11 EDO O . 12.87 -17.37 -2.77
H12 EDO O . 13.81 -16.91 -1.35
HO1 EDO O . 11.63 -18.60 -1.53
H21 EDO O . 11.74 -15.39 -2.73
H22 EDO O . 12.81 -14.87 -1.42
HO2 EDO O . 11.16 -15.05 -0.10
C1 EDO P . 24.59 0.56 4.79
O1 EDO P . 25.05 0.25 6.12
C2 EDO P . 25.71 0.50 3.75
O2 EDO P . 26.02 -0.88 3.50
H11 EDO P . 24.15 1.56 4.79
H12 EDO P . 23.80 -0.14 4.51
HO1 EDO P . 25.00 -0.71 6.25
H21 EDO P . 26.59 1.03 4.12
H22 EDO P . 25.39 0.98 2.82
HO2 EDO P . 26.02 -1.04 2.54
C FMT Q . 22.92 9.12 -25.92
O1 FMT Q . 22.37 8.30 -26.67
O2 FMT Q . 24.03 8.91 -25.43
H FMT Q . 22.42 10.07 -25.68
HO2 FMT Q . 24.46 8.04 -25.55
C FMT R . 8.31 -12.25 4.92
O1 FMT R . 7.78 -13.01 5.74
O2 FMT R . 7.75 -11.91 3.88
H FMT R . 9.36 -12.01 5.02
HO2 FMT R . 8.05 -12.27 3.02
C FMT S . 22.83 0.88 -21.61
O1 FMT S . 22.06 0.13 -22.21
O2 FMT S . 23.50 1.73 -22.19
H FMT S . 23.16 0.64 -20.61
HO2 FMT S . 24.12 1.46 -22.90
C1 EDO T . -20.17 -12.88 -3.87
O1 EDO T . -20.21 -14.11 -3.14
C2 EDO T . -18.81 -12.21 -3.64
O2 EDO T . -18.74 -11.82 -2.27
H11 EDO T . -20.98 -12.22 -3.54
H12 EDO T . -20.32 -13.08 -4.94
HO1 EDO T . -21.11 -14.48 -3.20
H21 EDO T . -18.72 -11.33 -4.29
H22 EDO T . -18.00 -12.89 -3.89
HO2 EDO T . -17.87 -11.42 -2.09
C1 EDO U . -14.58 10.78 -6.87
O1 EDO U . -15.86 10.18 -6.74
C2 EDO U . -13.55 9.70 -6.62
O2 EDO U . -12.28 10.34 -6.52
H11 EDO U . -14.46 11.20 -7.87
H12 EDO U . -14.47 11.58 -6.15
HO1 EDO U . -16.54 10.85 -6.92
H21 EDO U . -13.78 9.15 -5.71
H22 EDO U . -13.55 8.98 -7.45
HO2 EDO U . -11.58 9.67 -6.56
C1 EDO V . -28.05 0.40 -13.11
O1 EDO V . -28.87 0.05 -14.22
C2 EDO V . -26.97 1.41 -13.54
O2 EDO V . -25.94 0.90 -14.41
H11 EDO V . -27.57 -0.49 -12.71
H12 EDO V . -28.66 0.84 -12.33
HO1 EDO V . -29.79 -0.04 -13.92
H21 EDO V . -26.49 1.80 -12.63
H22 EDO V . -27.47 2.24 -14.05
HO2 EDO V . -26.16 0.00 -14.69
C1 EDO W . -8.86 11.12 5.40
O1 EDO W . -9.52 11.51 6.60
C2 EDO W . -9.85 11.15 4.24
O2 EDO W . -10.04 12.50 3.78
H11 EDO W . -8.45 10.12 5.51
H12 EDO W . -8.04 11.81 5.19
HO1 EDO W . -9.02 12.23 7.01
H21 EDO W . -10.81 10.73 4.57
H22 EDO W . -9.48 10.52 3.43
HO2 EDO W . -10.84 12.86 4.17
C1 EDO X . -12.00 16.01 -0.61
O1 EDO X . -11.51 15.53 0.65
C2 EDO X . -13.23 16.87 -0.34
O2 EDO X . -12.84 18.03 0.42
H11 EDO X . -12.25 15.17 -1.26
H12 EDO X . -11.23 16.60 -1.11
HO1 EDO X . -10.65 15.94 0.83
H21 EDO X . -13.98 16.29 0.20
H22 EDO X . -13.68 17.18 -1.30
HO2 EDO X . -12.76 17.78 1.36
C FMT Y . 2.66 6.03 23.57
O1 FMT Y . 2.07 6.97 23.05
O2 FMT Y . 3.51 6.19 24.45
H FMT Y . 2.66 5.05 23.07
HO2 FMT Y . 4.20 6.89 24.34
C1 EDO Z . 1.99 13.65 12.35
O1 EDO Z . 1.16 14.41 13.25
C2 EDO Z . 1.08 13.14 11.24
O2 EDO Z . 0.12 12.27 11.85
H11 EDO Z . 2.46 12.82 12.88
H12 EDO Z . 2.78 14.29 11.95
HO1 EDO Z . 0.81 13.82 13.93
H21 EDO Z . 1.67 12.60 10.50
H22 EDO Z . 0.59 13.97 10.74
HO2 EDO Z . -0.76 12.64 11.73
C FMT AA . -19.29 9.69 -6.96
O1 FMT AA . -19.47 8.57 -7.43
O2 FMT AA . -19.06 10.69 -7.64
H FMT AA . -19.12 9.80 -5.89
HO2 FMT AA . -18.29 10.71 -8.25
C FMT BA . -24.32 3.12 17.53
O1 FMT BA . -24.75 2.43 16.61
O2 FMT BA . -23.23 2.94 18.07
H FMT BA . -24.93 3.95 17.91
HO2 FMT BA . -22.76 3.70 18.48
C FMT CA . 0.12 -0.64 -13.43
O1 FMT CA . 0.52 -0.16 -14.50
O2 FMT CA . -0.21 0.07 -12.48
H FMT CA . 0.11 -1.72 -13.28
HO2 FMT CA . -0.07 1.04 -12.51
C FMT DA . -27.08 4.63 11.10
O1 FMT DA . -26.33 5.31 11.79
O2 FMT DA . -27.80 5.13 10.24
H FMT DA . -27.04 3.54 11.16
HO2 FMT DA . -27.72 6.10 10.05
#